data_4QQ6
# 
_entry.id   4QQ6 
# 
_audit_conform.dict_name       mmcif_pdbx.dic 
_audit_conform.dict_version    5.379 
_audit_conform.dict_location   http://mmcif.pdb.org/dictionaries/ascii/mmcif_pdbx.dic 
# 
loop_
_database_2.database_id 
_database_2.database_code 
_database_2.pdbx_database_accession 
_database_2.pdbx_DOI 
PDB   4QQ6         pdb_00004qq6 10.2210/pdb4qq6/pdb 
RCSB  RCSB086373   ?            ?                   
WWPDB D_1000086373 ?            ?                   
# 
_pdbx_database_status.entry_id                        4QQ6 
_pdbx_database_status.status_code                     REL 
_pdbx_database_status.deposit_site                    RCSB 
_pdbx_database_status.process_site                    RCSB 
_pdbx_database_status.recvd_initial_deposition_date   2014-06-26 
_pdbx_database_status.status_code_sf                  REL 
_pdbx_database_status.status_code_mr                  ? 
_pdbx_database_status.SG_entry                        Y 
_pdbx_database_status.status_code_cs                  ? 
_pdbx_database_status.methods_development_category    ? 
_pdbx_database_status.pdb_format_compatible           Y 
_pdbx_database_status.status_code_nmr_data            ? 
# 
loop_
_audit_author.name 
_audit_author.pdbx_ordinal 
'Liu, Y.'                              1  
'Tempel, W.'                           2  
'Iqbal, A.'                            3  
'Walker, J.R.'                         4  
'Bountra, C.'                          5  
'Arrowsmith, C.H.'                     6  
'Edwards, A.M.'                        7  
'Brown, P.J.'                          8  
'Min, J.'                              9  
'Structural Genomics Consortium (SGC)' 10 
# 
_citation.id                        primary 
_citation.title                     'A small molecule antagonist of SMN disrupts the interaction between SMN and RNAP II.' 
_citation.journal_abbrev            'Nat Commun' 
_citation.journal_volume            13 
_citation.page_first                5453 
_citation.page_last                 5453 
_citation.year                      2022 
_citation.journal_id_ASTM           ? 
_citation.country                   UK 
_citation.journal_id_ISSN           2041-1723 
_citation.journal_id_CSD            ? 
_citation.book_publisher            ? 
_citation.pdbx_database_id_PubMed   36114190 
_citation.pdbx_database_id_DOI      10.1038/s41467-022-33229-5 
# 
loop_
_citation_author.citation_id 
_citation_author.name 
_citation_author.ordinal 
_citation_author.identifier_ORCID 
primary 'Liu, Y.'          1  0000-0003-0197-7617 
primary 'Iqbal, A.'        2  ?                   
primary 'Li, W.'           3  ?                   
primary 'Ni, Z.'           4  ?                   
primary 'Wang, Y.'         5  ?                   
primary 'Ramprasad, J.'    6  ?                   
primary 'Abraham, K.J.'    7  0000-0002-6221-4915 
primary 'Zhang, M.'        8  ?                   
primary 'Zhao, D.Y.'       9  ?                   
primary 'Qin, S.'          10 ?                   
primary 'Loppnau, P.'      11 ?                   
primary 'Jiang, H.'        12 ?                   
primary 'Guo, X.'          13 ?                   
primary 'Brown, P.J.'      14 0000-0002-8454-0367 
primary 'Zhen, X.'         15 ?                   
primary 'Xu, G.'           16 0000-0002-4753-4769 
primary 'Mekhail, K.'      17 0000-0002-6084-020X 
primary 'Ji, X.'           18 ?                   
primary 'Bedford, M.T.'    19 0000-0002-8899-1050 
primary 'Greenblatt, J.F.' 20 ?                   
primary 'Min, J.'          21 0000-0001-5210-3130 
# 
_cell.entry_id           4QQ6 
_cell.length_a           27.789 
_cell.length_b           27.789 
_cell.length_c           112.817 
_cell.angle_alpha        90.000 
_cell.angle_beta         90.000 
_cell.angle_gamma        120.000 
_cell.pdbx_unique_axis   ? 
_cell.Z_PDB              6 
_cell.length_a_esd       ? 
_cell.length_b_esd       ? 
_cell.length_c_esd       ? 
_cell.angle_alpha_esd    ? 
_cell.angle_beta_esd     ? 
_cell.angle_gamma_esd    ? 
# 
_symmetry.entry_id                         4QQ6 
_symmetry.space_group_name_H-M             'P 65' 
_symmetry.Int_Tables_number                170 
_symmetry.pdbx_full_space_group_name_H-M   ? 
_symmetry.cell_setting                     ? 
_symmetry.space_group_name_Hall            ? 
# 
loop_
_entity.id 
_entity.type 
_entity.src_method 
_entity.pdbx_description 
_entity.formula_weight 
_entity.pdbx_number_of_molecules 
_entity.pdbx_ec 
_entity.pdbx_mutation 
_entity.pdbx_fragment 
_entity.details 
1 polymer     man 'Survival motor neuron protein'                                      7409.304 1  ? ? 'unp residues 82-147' ? 
2 non-polymer syn 'UNKNOWN ATOM OR ION'                                                ?        3  ? ? ?                     ? 
3 non-polymer syn '4-methyl-2,3,4,5,6,7-hexahydrodicyclopenta[b,e]pyridin-8(1H)-imine' 188.269  1  ? ? ?                     ? 
4 water       nat water                                                                18.015   26 ? ? ?                     ? 
# 
_entity_name_com.entity_id   1 
_entity_name_com.name        'Component of gems 1, Gemin-1' 
# 
_entity_poly.entity_id                      1 
_entity_poly.type                           'polypeptide(L)' 
_entity_poly.nstd_linkage                   no 
_entity_poly.nstd_monomer                   no 
_entity_poly.pdbx_seq_one_letter_code       GKKNTAASLQQWKVGDKCSAIWSEDGCIYPATIASIDFKRETCVVVYTGYGNREEQNLSDLLSPICE 
_entity_poly.pdbx_seq_one_letter_code_can   GKKNTAASLQQWKVGDKCSAIWSEDGCIYPATIASIDFKRETCVVVYTGYGNREEQNLSDLLSPICE 
_entity_poly.pdbx_strand_id                 A 
_entity_poly.pdbx_target_identifier         ? 
# 
loop_
_entity_poly_seq.entity_id 
_entity_poly_seq.num 
_entity_poly_seq.mon_id 
_entity_poly_seq.hetero 
1 1  GLY n 
1 2  LYS n 
1 3  LYS n 
1 4  ASN n 
1 5  THR n 
1 6  ALA n 
1 7  ALA n 
1 8  SER n 
1 9  LEU n 
1 10 GLN n 
1 11 GLN n 
1 12 TRP n 
1 13 LYS n 
1 14 VAL n 
1 15 GLY n 
1 16 ASP n 
1 17 LYS n 
1 18 CYS n 
1 19 SER n 
1 20 ALA n 
1 21 ILE n 
1 22 TRP n 
1 23 SER n 
1 24 GLU n 
1 25 ASP n 
1 26 GLY n 
1 27 CYS n 
1 28 ILE n 
1 29 TYR n 
1 30 PRO n 
1 31 ALA n 
1 32 THR n 
1 33 ILE n 
1 34 ALA n 
1 35 SER n 
1 36 ILE n 
1 37 ASP n 
1 38 PHE n 
1 39 LYS n 
1 40 ARG n 
1 41 GLU n 
1 42 THR n 
1 43 CYS n 
1 44 VAL n 
1 45 VAL n 
1 46 VAL n 
1 47 TYR n 
1 48 THR n 
1 49 GLY n 
1 50 TYR n 
1 51 GLY n 
1 52 ASN n 
1 53 ARG n 
1 54 GLU n 
1 55 GLU n 
1 56 GLN n 
1 57 ASN n 
1 58 LEU n 
1 59 SER n 
1 60 ASP n 
1 61 LEU n 
1 62 LEU n 
1 63 SER n 
1 64 PRO n 
1 65 ILE n 
1 66 CYS n 
1 67 GLU n 
# 
_entity_src_gen.entity_id                          1 
_entity_src_gen.pdbx_src_id                        1 
_entity_src_gen.pdbx_alt_source_flag               sample 
_entity_src_gen.pdbx_seq_type                      ? 
_entity_src_gen.pdbx_beg_seq_num                   ? 
_entity_src_gen.pdbx_end_seq_num                   ? 
_entity_src_gen.gene_src_common_name               human 
_entity_src_gen.gene_src_genus                     ? 
_entity_src_gen.pdbx_gene_src_gene                 'SMN1, SMN, SMNT, SMN2, SMNC' 
_entity_src_gen.gene_src_species                   ? 
_entity_src_gen.gene_src_strain                    ? 
_entity_src_gen.gene_src_tissue                    ? 
_entity_src_gen.gene_src_tissue_fraction           ? 
_entity_src_gen.gene_src_details                   ? 
_entity_src_gen.pdbx_gene_src_fragment             ? 
_entity_src_gen.pdbx_gene_src_scientific_name      'Homo sapiens' 
_entity_src_gen.pdbx_gene_src_ncbi_taxonomy_id     9606 
_entity_src_gen.pdbx_gene_src_variant              ? 
_entity_src_gen.pdbx_gene_src_cell_line            ? 
_entity_src_gen.pdbx_gene_src_atcc                 ? 
_entity_src_gen.pdbx_gene_src_organ                ? 
_entity_src_gen.pdbx_gene_src_organelle            ? 
_entity_src_gen.pdbx_gene_src_cell                 ? 
_entity_src_gen.pdbx_gene_src_cellular_location    ? 
_entity_src_gen.host_org_common_name               ? 
_entity_src_gen.pdbx_host_org_scientific_name      'Escherichia coli' 
_entity_src_gen.pdbx_host_org_ncbi_taxonomy_id     469008 
_entity_src_gen.host_org_genus                     ? 
_entity_src_gen.pdbx_host_org_gene                 ? 
_entity_src_gen.pdbx_host_org_organ                ? 
_entity_src_gen.host_org_species                   ? 
_entity_src_gen.pdbx_host_org_tissue               ? 
_entity_src_gen.pdbx_host_org_tissue_fraction      ? 
_entity_src_gen.pdbx_host_org_strain               'BL21(DE3)-V2R-pRARE2' 
_entity_src_gen.pdbx_host_org_variant              ? 
_entity_src_gen.pdbx_host_org_cell_line            ? 
_entity_src_gen.pdbx_host_org_atcc                 ? 
_entity_src_gen.pdbx_host_org_culture_collection   ? 
_entity_src_gen.pdbx_host_org_cell                 ? 
_entity_src_gen.pdbx_host_org_organelle            ? 
_entity_src_gen.pdbx_host_org_cellular_location    ? 
_entity_src_gen.pdbx_host_org_vector_type          ? 
_entity_src_gen.pdbx_host_org_vector               ? 
_entity_src_gen.host_org_details                   ? 
_entity_src_gen.expression_system_id               ? 
_entity_src_gen.plasmid_name                       pET28-MHL 
_entity_src_gen.plasmid_details                    ? 
_entity_src_gen.pdbx_description                   ? 
# 
_struct_ref.id                         1 
_struct_ref.db_name                    UNP 
_struct_ref.db_code                    SMN_HUMAN 
_struct_ref.pdbx_db_accession          Q16637 
_struct_ref.entity_id                  1 
_struct_ref.pdbx_seq_one_letter_code   KKNTAASLQQWKVGDKCSAIWSEDGCIYPATIASIDFKRETCVVVYTGYGNREEQNLSDLLSPICE 
_struct_ref.pdbx_align_begin           82 
_struct_ref.pdbx_db_isoform            ? 
# 
_struct_ref_seq.align_id                      1 
_struct_ref_seq.ref_id                        1 
_struct_ref_seq.pdbx_PDB_id_code              4QQ6 
_struct_ref_seq.pdbx_strand_id                A 
_struct_ref_seq.seq_align_beg                 2 
_struct_ref_seq.pdbx_seq_align_beg_ins_code   ? 
_struct_ref_seq.seq_align_end                 67 
_struct_ref_seq.pdbx_seq_align_end_ins_code   ? 
_struct_ref_seq.pdbx_db_accession             Q16637 
_struct_ref_seq.db_align_beg                  82 
_struct_ref_seq.pdbx_db_align_beg_ins_code    ? 
_struct_ref_seq.db_align_end                  147 
_struct_ref_seq.pdbx_db_align_end_ins_code    ? 
_struct_ref_seq.pdbx_auth_seq_align_beg       82 
_struct_ref_seq.pdbx_auth_seq_align_end       147 
# 
_struct_ref_seq_dif.align_id                     1 
_struct_ref_seq_dif.pdbx_pdb_id_code             4QQ6 
_struct_ref_seq_dif.mon_id                       GLY 
_struct_ref_seq_dif.pdbx_pdb_strand_id           A 
_struct_ref_seq_dif.seq_num                      1 
_struct_ref_seq_dif.pdbx_pdb_ins_code            ? 
_struct_ref_seq_dif.pdbx_seq_db_name             UNP 
_struct_ref_seq_dif.pdbx_seq_db_accession_code   Q16637 
_struct_ref_seq_dif.db_mon_id                    ? 
_struct_ref_seq_dif.pdbx_seq_db_seq_num          ? 
_struct_ref_seq_dif.details                      'expression tag' 
_struct_ref_seq_dif.pdbx_auth_seq_num            81 
_struct_ref_seq_dif.pdbx_ordinal                 1 
# 
loop_
_chem_comp.id 
_chem_comp.type 
_chem_comp.mon_nstd_flag 
_chem_comp.name 
_chem_comp.pdbx_synonyms 
_chem_comp.formula 
_chem_comp.formula_weight 
36X non-polymer         . '4-methyl-2,3,4,5,6,7-hexahydrodicyclopenta[b,e]pyridin-8(1H)-imine' ? 'C12 H16 N2'     188.269 
ALA 'L-peptide linking' y ALANINE                                                              ? 'C3 H7 N O2'     89.093  
ARG 'L-peptide linking' y ARGININE                                                             ? 'C6 H15 N4 O2 1' 175.209 
ASN 'L-peptide linking' y ASPARAGINE                                                           ? 'C4 H8 N2 O3'    132.118 
ASP 'L-peptide linking' y 'ASPARTIC ACID'                                                      ? 'C4 H7 N O4'     133.103 
CYS 'L-peptide linking' y CYSTEINE                                                             ? 'C3 H7 N O2 S'   121.158 
GLN 'L-peptide linking' y GLUTAMINE                                                            ? 'C5 H10 N2 O3'   146.144 
GLU 'L-peptide linking' y 'GLUTAMIC ACID'                                                      ? 'C5 H9 N O4'     147.129 
GLY 'peptide linking'   y GLYCINE                                                              ? 'C2 H5 N O2'     75.067  
HOH non-polymer         . WATER                                                                ? 'H2 O'           18.015  
ILE 'L-peptide linking' y ISOLEUCINE                                                           ? 'C6 H13 N O2'    131.173 
LEU 'L-peptide linking' y LEUCINE                                                              ? 'C6 H13 N O2'    131.173 
LYS 'L-peptide linking' y LYSINE                                                               ? 'C6 H15 N2 O2 1' 147.195 
PHE 'L-peptide linking' y PHENYLALANINE                                                        ? 'C9 H11 N O2'    165.189 
PRO 'L-peptide linking' y PROLINE                                                              ? 'C5 H9 N O2'     115.130 
SER 'L-peptide linking' y SERINE                                                               ? 'C3 H7 N O3'     105.093 
THR 'L-peptide linking' y THREONINE                                                            ? 'C4 H9 N O3'     119.119 
TRP 'L-peptide linking' y TRYPTOPHAN                                                           ? 'C11 H12 N2 O2'  204.225 
TYR 'L-peptide linking' y TYROSINE                                                             ? 'C9 H11 N O3'    181.189 
UNX non-polymer         . 'UNKNOWN ATOM OR ION'                                                ? ?                ?       
VAL 'L-peptide linking' y VALINE                                                               ? 'C5 H11 N O2'    117.146 
# 
_exptl.crystals_number   1 
_exptl.entry_id          4QQ6 
_exptl.method            'X-RAY DIFFRACTION' 
# 
_exptl_crystal.id                    1 
_exptl_crystal.density_percent_sol   27.53 
_exptl_crystal.density_Matthews      1.70 
_exptl_crystal.density_meas          ? 
_exptl_crystal.description           ? 
_exptl_crystal.F_000                 ? 
_exptl_crystal.preparation           ? 
# 
_exptl_crystal_grow.crystal_id      1 
_exptl_crystal_grow.method          'VAPOR DIFFUSION, SITTING DROP' 
_exptl_crystal_grow.pH              5.6 
_exptl_crystal_grow.temp            293 
_exptl_crystal_grow.pdbx_details    
'2M ammonium sulfate, 0.2M potassium/sodium tartrate, 0.1M sodium citrate, pH 5.6, VAPOR DIFFUSION, SITTING DROP, temperature 293K' 
_exptl_crystal_grow.temp_details    ? 
_exptl_crystal_grow.pdbx_pH_range   ? 
# 
_diffrn.id                     1 
_diffrn.ambient_temp           100 
_diffrn.ambient_temp_details   ? 
_diffrn.crystal_id             1 
# 
_diffrn_detector.diffrn_id              1 
_diffrn_detector.detector               CCD 
_diffrn_detector.type                   'RIGAKU SATURN A200' 
_diffrn_detector.pdbx_collection_date   2014-04-15 
_diffrn_detector.details                ? 
# 
_diffrn_radiation.diffrn_id                        1 
_diffrn_radiation.pdbx_diffrn_protocol             'SINGLE WAVELENGTH' 
_diffrn_radiation.monochromator                    ? 
_diffrn_radiation.wavelength_id                    1 
_diffrn_radiation.pdbx_monochromatic_or_laue_m_l   M 
_diffrn_radiation.pdbx_scattering_type             x-ray 
# 
_diffrn_radiation_wavelength.id           1 
_diffrn_radiation_wavelength.wavelength   1.5418 
_diffrn_radiation_wavelength.wt           1.0 
# 
_diffrn_source.diffrn_id                   1 
_diffrn_source.source                      'ROTATING ANODE' 
_diffrn_source.type                        'RIGAKU FR-E' 
_diffrn_source.pdbx_wavelength_list        1.5418 
_diffrn_source.pdbx_wavelength             ? 
_diffrn_source.pdbx_synchrotron_site       ? 
_diffrn_source.pdbx_synchrotron_beamline   ? 
# 
_reflns.entry_id                     4QQ6 
_reflns.d_resolution_high            1.750 
_reflns.d_resolution_low             37.610 
_reflns.number_obs                   5006 
_reflns.pdbx_Rmerge_I_obs            0.078 
_reflns.pdbx_netI_over_sigmaI        19.800 
_reflns.pdbx_redundancy              10.500 
_reflns.percent_possible_obs         100.000 
_reflns.observed_criterion_sigma_F   ? 
_reflns.observed_criterion_sigma_I   ? 
_reflns.number_all                   ? 
_reflns.pdbx_Rsym_value              ? 
_reflns.B_iso_Wilson_estimate        ? 
_reflns.R_free_details               ? 
_reflns.limit_h_max                  ? 
_reflns.limit_h_min                  ? 
_reflns.limit_k_max                  ? 
_reflns.limit_k_min                  ? 
_reflns.limit_l_max                  ? 
_reflns.limit_l_min                  ? 
_reflns.observed_criterion_F_max     ? 
_reflns.observed_criterion_F_min     ? 
_reflns.pdbx_chi_squared             ? 
_reflns.pdbx_scaling_rejects         ? 
_reflns.pdbx_ordinal                 1 
_reflns.pdbx_diffrn_id               1 
# 
loop_
_reflns_shell.d_res_high 
_reflns_shell.d_res_low 
_reflns_shell.number_measured_obs 
_reflns_shell.number_measured_all 
_reflns_shell.number_unique_obs 
_reflns_shell.Rmerge_I_obs 
_reflns_shell.meanI_over_sigI_obs 
_reflns_shell.pdbx_Rsym_value 
_reflns_shell.pdbx_chi_squared 
_reflns_shell.pdbx_redundancy 
_reflns_shell.percent_possible_obs 
_reflns_shell.number_unique_all 
_reflns_shell.percent_possible_all 
_reflns_shell.pdbx_ordinal 
_reflns_shell.pdbx_diffrn_id 
1.750 1.790  ? 2917 ? 0.806 2.900  ? ? 10.300 ? 283 100.000 1 1 
8.750 37.610 ? 424  ? 0.032 53.900 ? ? 9.200  ? 46  99.100  2 1 
# 
_refine.entry_id                                 4QQ6 
_refine.ls_d_res_high                            1.7500 
_refine.ls_d_res_low                             24.0700 
_refine.pdbx_ls_sigma_F                          0.000 
_refine.pdbx_data_cutoff_high_absF               ? 
_refine.pdbx_data_cutoff_low_absF                ? 
_refine.ls_percent_reflns_obs                    99.6400 
_refine.ls_number_reflns_obs                     4942 
_refine.ls_number_reflns_all                     ? 
_refine.pdbx_ls_cross_valid_method               THROUGHOUT 
_refine.pdbx_R_Free_selection_details            RANDOM 
_refine.details                                  
;Model is based on initial rigid body refinement of protein coordinates from PDB entry 1MHN. SMILES(CN1C2=C(CCC2)C(=N)C2=C1CCC2) represents the uncharged form of the ligand. Geometry restraints for the inhibitor were prepared on the GRADE server with SMILES(C[n+]1c2CCCc2c(N)c2CCCc12). We note that mogul (CSD) inferred the type of the C1-C2 bond in refined ligand coordinates as double, which would be inconsistent with any traditional hybridization state of C1. COOT and MOLPROBITY were also used during refinement.
;
_refine.ls_R_factor_all                          ? 
_refine.ls_R_factor_obs                          0.1727 
_refine.ls_R_factor_R_work                       0.1646 
_refine.ls_wR_factor_R_work                      0.1496 
_refine.ls_R_factor_R_free                       0.2417 
_refine.ls_wR_factor_R_free                      0.2294 
_refine.ls_percent_reflns_R_free                 10.3000 
_refine.ls_number_reflns_R_free                  508 
_refine.ls_R_factor_R_free_error                 ? 
_refine.B_iso_mean                               26.6793 
_refine.solvent_model_param_bsol                 ? 
_refine.solvent_model_param_ksol                 ? 
_refine.pdbx_isotropic_thermal_model             ? 
_refine.aniso_B[1][1]                            0.6700 
_refine.aniso_B[2][2]                            0.6700 
_refine.aniso_B[3][3]                            -2.1700 
_refine.aniso_B[1][2]                            0.3300 
_refine.aniso_B[1][3]                            0.0000 
_refine.aniso_B[2][3]                            -0.0000 
_refine.correlation_coeff_Fo_to_Fc               0.9700 
_refine.correlation_coeff_Fo_to_Fc_free          0.9490 
_refine.overall_SU_R_Cruickshank_DPI             0.1368 
_refine.overall_SU_R_free                        0.1482 
_refine.pdbx_overall_ESU_R                       0.1370 
_refine.pdbx_overall_ESU_R_Free                  0.1480 
_refine.overall_SU_ML                            0.1150 
_refine.overall_SU_B                             3.8030 
_refine.solvent_model_details                    MASK 
_refine.pdbx_solvent_vdw_probe_radii             1.2000 
_refine.pdbx_solvent_ion_probe_radii             0.8000 
_refine.pdbx_solvent_shrinkage_radii             0.8000 
_refine.ls_number_parameters                     ? 
_refine.ls_number_restraints                     ? 
_refine.pdbx_starting_model                      'pdb entry 1MHN' 
_refine.pdbx_method_to_determine_struct          'MOLECULAR REPLACEMENT' 
_refine.pdbx_stereochemistry_target_values       'MAXIMUM LIKELIHOOD' 
_refine.pdbx_stereochem_target_val_spec_case     ? 
_refine.overall_FOM_work_R_set                   0.7967 
_refine.B_iso_max                                72.380 
_refine.B_iso_min                                14.920 
_refine.pdbx_overall_phase_error                 ? 
_refine.occupancy_max                            1.000 
_refine.occupancy_min                            0.300 
_refine.pdbx_ls_sigma_I                          ? 
_refine.ls_redundancy_reflns_obs                 ? 
_refine.ls_R_factor_R_free_error_details         ? 
_refine.pdbx_data_cutoff_high_rms_absF           ? 
_refine.overall_FOM_free_R_set                   ? 
_refine.pdbx_diffrn_id                           1 
_refine.pdbx_refine_id                           'X-RAY DIFFRACTION' 
_refine.pdbx_TLS_residual_ADP_flag               ? 
_refine.pdbx_overall_SU_R_free_Cruickshank_DPI   ? 
_refine.pdbx_overall_SU_R_Blow_DPI               ? 
_refine.pdbx_overall_SU_R_free_Blow_DPI          ? 
# 
_refine_hist.pdbx_refine_id                   'X-RAY DIFFRACTION' 
_refine_hist.cycle_id                         LAST 
_refine_hist.pdbx_number_atoms_protein        454 
_refine_hist.pdbx_number_atoms_nucleic_acid   0 
_refine_hist.pdbx_number_atoms_ligand         17 
_refine_hist.number_atoms_solvent             26 
_refine_hist.number_atoms_total               497 
_refine_hist.d_res_high                       1.7500 
_refine_hist.d_res_low                        24.0700 
# 
loop_
_refine_ls_restr.type 
_refine_ls_restr.number 
_refine_ls_restr.dev_ideal 
_refine_ls_restr.dev_ideal_target 
_refine_ls_restr.weight 
_refine_ls_restr.pdbx_restraint_function 
_refine_ls_restr.pdbx_refine_id 
r_bond_refined_d       489  0.017  0.020  ? ? 'X-RAY DIFFRACTION' 
r_bond_other_d         443  0.001  0.020  ? ? 'X-RAY DIFFRACTION' 
r_angle_refined_deg    671  1.653  1.965  ? ? 'X-RAY DIFFRACTION' 
r_angle_other_deg      1027 0.874  3.000  ? ? 'X-RAY DIFFRACTION' 
r_dihedral_angle_1_deg 61   6.883  5.000  ? ? 'X-RAY DIFFRACTION' 
r_dihedral_angle_2_deg 22   30.261 25.455 ? ? 'X-RAY DIFFRACTION' 
r_dihedral_angle_3_deg 78   13.880 15.000 ? ? 'X-RAY DIFFRACTION' 
r_dihedral_angle_4_deg 2    17.700 15.000 ? ? 'X-RAY DIFFRACTION' 
r_chiral_restr         72   0.114  0.200  ? ? 'X-RAY DIFFRACTION' 
r_gen_planes_refined   599  0.007  0.020  ? ? 'X-RAY DIFFRACTION' 
r_gen_planes_other     107  0.001  0.020  ? ? 'X-RAY DIFFRACTION' 
r_mcbond_it            236  3.213  2.430  ? ? 'X-RAY DIFFRACTION' 
r_mcbond_other         237  3.207  2.433  ? ? 'X-RAY DIFFRACTION' 
r_mcangle_it           293  4.470  3.601  ? ? 'X-RAY DIFFRACTION' 
# 
_refine_ls_shell.d_res_high                       1.7500 
_refine_ls_shell.d_res_low                        1.7950 
_refine_ls_shell.pdbx_total_number_of_bins_used   20 
_refine_ls_shell.percent_reflns_obs               100.0000 
_refine_ls_shell.number_reflns_R_work             319 
_refine_ls_shell.R_factor_all                     ? 
_refine_ls_shell.R_factor_R_work                  0.2460 
_refine_ls_shell.R_factor_R_free                  0.3060 
_refine_ls_shell.percent_reflns_R_free            ? 
_refine_ls_shell.number_reflns_R_free             33 
_refine_ls_shell.R_factor_R_free_error            ? 
_refine_ls_shell.number_reflns_all                352 
_refine_ls_shell.number_reflns_obs                ? 
_refine_ls_shell.redundancy_reflns_obs            ? 
_refine_ls_shell.pdbx_refine_id                   'X-RAY DIFFRACTION' 
# 
_struct.entry_id                  4QQ6 
_struct.title                     'Crystal Structure of tudor domain of SMN1 in complex with a small organic molecule' 
_struct.pdbx_model_details        ? 
_struct.pdbx_CASP_flag            ? 
_struct.pdbx_model_type_details   ? 
# 
_struct_keywords.entry_id        4QQ6 
_struct_keywords.text            'structural genomics, Structural Genomics Consortium, SGC, RNA BINDING PROTEIN' 
_struct_keywords.pdbx_keywords   'RNA BINDING PROTEIN' 
# 
loop_
_struct_asym.id 
_struct_asym.pdbx_blank_PDB_chainid_flag 
_struct_asym.pdbx_modified 
_struct_asym.entity_id 
_struct_asym.details 
A N N 1 ? 
B N N 2 ? 
C N N 2 ? 
D N N 2 ? 
E N N 3 ? 
F N N 4 ? 
# 
_struct_biol.id        1 
_struct_biol.details   'THE BIOLOGICAL UNIT IS UNKNOWN' 
# 
_struct_conf.conf_type_id            HELX_P 
_struct_conf.id                      HELX_P1 
_struct_conf.pdbx_PDB_helix_id       1 
_struct_conf.beg_label_comp_id       SER 
_struct_conf.beg_label_asym_id       A 
_struct_conf.beg_label_seq_id        59 
_struct_conf.pdbx_beg_PDB_ins_code   ? 
_struct_conf.end_label_comp_id       LEU 
_struct_conf.end_label_asym_id       A 
_struct_conf.end_label_seq_id        61 
_struct_conf.pdbx_end_PDB_ins_code   ? 
_struct_conf.beg_auth_comp_id        SER 
_struct_conf.beg_auth_asym_id        A 
_struct_conf.beg_auth_seq_id         139 
_struct_conf.end_auth_comp_id        LEU 
_struct_conf.end_auth_asym_id        A 
_struct_conf.end_auth_seq_id         141 
_struct_conf.pdbx_PDB_helix_class    5 
_struct_conf.details                 ? 
_struct_conf.pdbx_PDB_helix_length   3 
# 
_struct_conf_type.id          HELX_P 
_struct_conf_type.criteria    ? 
_struct_conf_type.reference   ? 
# 
_struct_sheet.id               A 
_struct_sheet.type             ? 
_struct_sheet.number_strands   4 
_struct_sheet.details          ? 
# 
loop_
_struct_sheet_order.sheet_id 
_struct_sheet_order.range_id_1 
_struct_sheet_order.range_id_2 
_struct_sheet_order.offset 
_struct_sheet_order.sense 
A 1 2 ? anti-parallel 
A 2 3 ? anti-parallel 
A 3 4 ? anti-parallel 
# 
loop_
_struct_sheet_range.sheet_id 
_struct_sheet_range.id 
_struct_sheet_range.beg_label_comp_id 
_struct_sheet_range.beg_label_asym_id 
_struct_sheet_range.beg_label_seq_id 
_struct_sheet_range.pdbx_beg_PDB_ins_code 
_struct_sheet_range.end_label_comp_id 
_struct_sheet_range.end_label_asym_id 
_struct_sheet_range.end_label_seq_id 
_struct_sheet_range.pdbx_end_PDB_ins_code 
_struct_sheet_range.beg_auth_comp_id 
_struct_sheet_range.beg_auth_asym_id 
_struct_sheet_range.beg_auth_seq_id 
_struct_sheet_range.end_auth_comp_id 
_struct_sheet_range.end_auth_asym_id 
_struct_sheet_range.end_auth_seq_id 
A 1 LYS A 17 ? ILE A 21 ? LYS A 97  ILE A 101 
A 2 ILE A 28 ? ASP A 37 ? ILE A 108 ASP A 117 
A 3 THR A 42 ? TYR A 47 ? THR A 122 TYR A 127 
A 4 ARG A 53 ? ASN A 57 ? ARG A 133 ASN A 137 
# 
loop_
_pdbx_struct_sheet_hbond.sheet_id 
_pdbx_struct_sheet_hbond.range_id_1 
_pdbx_struct_sheet_hbond.range_id_2 
_pdbx_struct_sheet_hbond.range_1_label_atom_id 
_pdbx_struct_sheet_hbond.range_1_label_comp_id 
_pdbx_struct_sheet_hbond.range_1_label_asym_id 
_pdbx_struct_sheet_hbond.range_1_label_seq_id 
_pdbx_struct_sheet_hbond.range_1_PDB_ins_code 
_pdbx_struct_sheet_hbond.range_1_auth_atom_id 
_pdbx_struct_sheet_hbond.range_1_auth_comp_id 
_pdbx_struct_sheet_hbond.range_1_auth_asym_id 
_pdbx_struct_sheet_hbond.range_1_auth_seq_id 
_pdbx_struct_sheet_hbond.range_2_label_atom_id 
_pdbx_struct_sheet_hbond.range_2_label_comp_id 
_pdbx_struct_sheet_hbond.range_2_label_asym_id 
_pdbx_struct_sheet_hbond.range_2_label_seq_id 
_pdbx_struct_sheet_hbond.range_2_PDB_ins_code 
_pdbx_struct_sheet_hbond.range_2_auth_atom_id 
_pdbx_struct_sheet_hbond.range_2_auth_comp_id 
_pdbx_struct_sheet_hbond.range_2_auth_asym_id 
_pdbx_struct_sheet_hbond.range_2_auth_seq_id 
A 1 2 N CYS A 18 ? N CYS A 98  O ALA A 31 ? O ALA A 111 
A 2 3 N ALA A 34 ? N ALA A 114 O VAL A 44 ? O VAL A 124 
A 3 4 N VAL A 45 ? N VAL A 125 O GLU A 54 ? O GLU A 134 
# 
_struct_site.id                   AC1 
_struct_site.pdbx_evidence_code   Software 
_struct_site.pdbx_auth_asym_id    A 
_struct_site.pdbx_auth_comp_id    36X 
_struct_site.pdbx_auth_seq_id     204 
_struct_site.pdbx_auth_ins_code   ? 
_struct_site.pdbx_num_residues    8 
_struct_site.details              'BINDING SITE FOR RESIDUE 36X A 204' 
# 
loop_
_struct_site_gen.id 
_struct_site_gen.site_id 
_struct_site_gen.pdbx_num_res 
_struct_site_gen.label_comp_id 
_struct_site_gen.label_asym_id 
_struct_site_gen.label_seq_id 
_struct_site_gen.pdbx_auth_ins_code 
_struct_site_gen.auth_comp_id 
_struct_site_gen.auth_asym_id 
_struct_site_gen.auth_seq_id 
_struct_site_gen.label_atom_id 
_struct_site_gen.label_alt_id 
_struct_site_gen.symmetry 
_struct_site_gen.details 
1 AC1 8 TRP A 22 ? TRP A 102 . ? 1_555 ? 
2 AC1 8 TYR A 29 ? TYR A 109 . ? 1_555 ? 
3 AC1 8 GLU A 41 ? GLU A 121 . ? 1_665 ? 
4 AC1 8 TYR A 47 ? TYR A 127 . ? 1_555 ? 
5 AC1 8 TYR A 50 ? TYR A 130 . ? 1_555 ? 
6 AC1 8 ASN A 52 ? ASN A 132 . ? 1_555 ? 
7 AC1 8 LEU A 58 ? LEU A 138 . ? 1_665 ? 
8 AC1 8 HOH F .  ? HOH A 319 . ? 1_665 ? 
# 
_atom_sites.entry_id                    4QQ6 
_atom_sites.fract_transf_matrix[1][1]   0.01739627 
_atom_sites.fract_transf_matrix[1][2]   -0.02869623 
_atom_sites.fract_transf_matrix[1][3]   -0.02450425 
_atom_sites.fract_transf_matrix[2][1]   0.01749560 
_atom_sites.fract_transf_matrix[2][2]   -0.03376914 
_atom_sites.fract_transf_matrix[2][3]   0.01673673 
_atom_sites.fract_transf_matrix[3][1]   -0.00775260 
_atom_sites.fract_transf_matrix[3][2]   -0.00426749 
_atom_sites.fract_transf_matrix[3][3]   -0.00050626 
_atom_sites.fract_transf_vector[1]      -0.171422 
_atom_sites.fract_transf_vector[2]      -0.370618 
_atom_sites.fract_transf_vector[3]      0.014008 
# 
loop_
_atom_type.symbol 
C 
N 
O 
S 
X 
# 
loop_
_atom_site.group_PDB 
_atom_site.id 
_atom_site.type_symbol 
_atom_site.label_atom_id 
_atom_site.label_alt_id 
_atom_site.label_comp_id 
_atom_site.label_asym_id 
_atom_site.label_entity_id 
_atom_site.label_seq_id 
_atom_site.pdbx_PDB_ins_code 
_atom_site.Cartn_x 
_atom_site.Cartn_y 
_atom_site.Cartn_z 
_atom_site.occupancy 
_atom_site.B_iso_or_equiv 
_atom_site.pdbx_formal_charge 
_atom_site.auth_seq_id 
_atom_site.auth_comp_id 
_atom_site.auth_asym_id 
_atom_site.auth_atom_id 
_atom_site.pdbx_PDB_model_num 
ATOM   1   N N   . GLN A 1 10 ? -8.019 6.672   7.260   1.00 68.15 ? 90  GLN A N   1 
ATOM   2   C CA  . GLN A 1 10 ? -6.637 7.046   7.645   1.00 67.34 ? 90  GLN A CA  1 
ATOM   3   C C   . GLN A 1 10 ? -6.037 8.069   6.667   1.00 70.59 ? 90  GLN A C   1 
ATOM   4   O O   . GLN A 1 10 ? -6.381 8.067   5.468   1.00 58.87 ? 90  GLN A O   1 
ATOM   5   C CB  . GLN A 1 10 ? -5.766 5.793   7.699   1.00 61.46 ? 90  GLN A CB  1 
ATOM   6   C CG  . GLN A 1 10 ? -4.582 5.908   8.647   1.00 60.18 ? 90  GLN A CG  1 
ATOM   7   C CD  . GLN A 1 10 ? -4.123 4.570   9.207   1.00 66.74 ? 90  GLN A CD  1 
ATOM   8   O OE1 . GLN A 1 10 ? -4.819 3.547   9.098   1.00 60.27 ? 90  GLN A OE1 1 
ATOM   9   N NE2 . GLN A 1 10 ? -2.940 4.570   9.820   1.00 66.41 ? 90  GLN A NE2 1 
ATOM   10  N N   . GLN A 1 11 ? -5.175 8.956   7.197   1.00 64.61 ? 91  GLN A N   1 
ATOM   11  C CA  . GLN A 1 11 ? -4.279 9.794   6.369   1.00 47.11 ? 91  GLN A CA  1 
ATOM   12  C C   . GLN A 1 11 ? -2.856 9.189   6.356   1.00 40.72 ? 91  GLN A C   1 
ATOM   13  O O   . GLN A 1 11 ? -2.109 9.200   7.349   1.00 49.32 ? 91  GLN A O   1 
ATOM   14  C CB  . GLN A 1 11 ? -4.234 11.230  6.844   1.00 40.71 ? 91  GLN A CB  1 
ATOM   15  C CG  . GLN A 1 11 ? -5.605 11.899  6.864   1.00 39.41 ? 91  GLN A CG  1 
ATOM   16  C CD  . GLN A 1 11 ? -5.658 13.102  7.799   1.00 40.40 ? 91  GLN A CD  1 
ATOM   17  O OE1 . GLN A 1 11 ? -4.625 13.579  8.291   1.00 49.37 ? 91  GLN A OE1 1 
ATOM   18  N NE2 . GLN A 1 11 ? -6.862 13.603  8.049   1.00 41.13 ? 91  GLN A NE2 1 
ATOM   19  N N   . TRP A 1 12 ? -2.492 8.708   5.185   1.00 32.77 ? 92  TRP A N   1 
ATOM   20  C CA  . TRP A 1 12 ? -1.253 7.988   4.941   1.00 24.54 ? 92  TRP A CA  1 
ATOM   21  C C   . TRP A 1 12 ? -0.139 8.992   4.637   1.00 25.83 ? 92  TRP A C   1 
ATOM   22  O O   . TRP A 1 12 ? -0.416 10.077  4.157   1.00 24.44 ? 92  TRP A O   1 
ATOM   23  C CB  . TRP A 1 12 ? -1.492 7.101   3.761   1.00 23.46 ? 92  TRP A CB  1 
ATOM   24  C CG  . TRP A 1 12 ? -2.468 6.058   4.057   1.00 23.81 ? 92  TRP A CG  1 
ATOM   25  C CD1 . TRP A 1 12 ? -3.726 5.933   3.564   1.00 26.38 ? 92  TRP A CD1 1 
ATOM   26  C CD2 . TRP A 1 12 ? -2.259 4.946   4.914   1.00 25.43 ? 92  TRP A CD2 1 
ATOM   27  N NE1 . TRP A 1 12 ? -4.323 4.817   4.083   1.00 28.54 ? 92  TRP A NE1 1 
ATOM   28  C CE2 . TRP A 1 12 ? -3.426 4.174   4.884   1.00 24.69 ? 92  TRP A CE2 1 
ATOM   29  C CE3 . TRP A 1 12 ? -1.172 4.509   5.679   1.00 26.60 ? 92  TRP A CE3 1 
ATOM   30  C CZ2 . TRP A 1 12 ? -3.560 3.016   5.629   1.00 23.83 ? 92  TRP A CZ2 1 
ATOM   31  C CZ3 . TRP A 1 12 ? -1.312 3.364   6.420   1.00 23.88 ? 92  TRP A CZ3 1 
ATOM   32  C CH2 . TRP A 1 12 ? -2.502 2.633   6.378   1.00 22.68 ? 92  TRP A CH2 1 
ATOM   33  N N   . LYS A 1 13 ? 1.102  8.631   4.940   1.00 20.20 ? 93  LYS A N   1 
ATOM   34  C CA  . LYS A 1 13 ? 2.238  9.392   4.429   1.00 23.76 ? 93  LYS A CA  1 
ATOM   35  C C   . LYS A 1 13 ? 3.290  8.487   3.817   1.00 23.88 ? 93  LYS A C   1 
ATOM   36  O O   . LYS A 1 13 ? 3.308  7.216   4.049   1.00 20.27 ? 93  LYS A O   1 
ATOM   37  C CB  . LYS A 1 13 ? 2.808  10.305  5.551   1.00 30.81 ? 93  LYS A CB  1 
ATOM   38  C CG  . LYS A 1 13 ? 3.319  9.612   6.786   1.00 33.19 ? 93  LYS A CG  1 
ATOM   39  C CD  . LYS A 1 13 ? 3.694  10.603  7.888   1.00 41.40 ? 93  LYS A CD  1 
ATOM   40  C CE  . LYS A 1 13 ? 4.275  9.879   9.095   1.00 42.23 ? 93  LYS A CE  1 
ATOM   41  N NZ  . LYS A 1 13 ? 3.306  8.887   9.642   1.00 49.61 ? 93  LYS A NZ  1 
ATOM   42  N N   . VAL A 1 14 ? 4.180  9.101   3.042   1.00 21.15 ? 94  VAL A N   1 
ATOM   43  C CA  . VAL A 1 14 ? 5.315  8.389   2.455   1.00 23.89 ? 94  VAL A CA  1 
ATOM   44  C C   . VAL A 1 14 ? 6.117  7.697   3.578   1.00 23.72 ? 94  VAL A C   1 
ATOM   45  O O   . VAL A 1 14 ? 6.421  8.298   4.636   1.00 20.31 ? 94  VAL A O   1 
ATOM   46  C CB  . VAL A 1 14 ? 6.190  9.293   1.495   1.00 22.34 ? 94  VAL A CB  1 
ATOM   47  C CG1 . VAL A 1 14 ? 7.325  8.495   0.853   1.00 26.94 ? 94  VAL A CG1 1 
ATOM   48  C CG2 . VAL A 1 14 ? 5.365  9.886   0.358   1.00 24.55 ? 94  VAL A CG2 1 
ATOM   49  N N   . GLY A 1 15 ? 6.492  6.439   3.348   1.00 24.43 ? 95  GLY A N   1 
ATOM   50  C CA  . GLY A 1 15 ? 7.169  5.692   4.360   1.00 21.74 ? 95  GLY A CA  1 
ATOM   51  C C   . GLY A 1 15 ? 6.287  4.948   5.345   1.00 22.31 ? 95  GLY A C   1 
ATOM   52  O O   . GLY A 1 15 ? 6.776  4.129   6.128   1.00 22.99 ? 95  GLY A O   1 
ATOM   53  N N   . ASP A 1 16 ? 4.990  5.198   5.350   1.00 21.74 ? 96  ASP A N   1 
ATOM   54  C CA  . ASP A 1 16 ? 4.124  4.562   6.315   1.00 21.56 ? 96  ASP A CA  1 
ATOM   55  C C   . ASP A 1 16 ? 4.104  3.064   6.056   1.00 19.78 ? 96  ASP A C   1 
ATOM   56  O O   . ASP A 1 16 ? 4.157  2.597   4.894   1.00 20.65 ? 96  ASP A O   1 
ATOM   57  C CB  . ASP A 1 16 ? 2.702  5.082   6.188   1.00 20.37 ? 96  ASP A CB  1 
ATOM   58  C CG  . ASP A 1 16 ? 2.408  6.315   7.072   1.00 22.63 ? 96  ASP A CG  1 
ATOM   59  O OD1 . ASP A 1 16 ? 3.233  6.671   7.919   1.00 24.15 ? 96  ASP A OD1 1 
ATOM   60  O OD2 . ASP A 1 16 ? 1.324  6.911   6.903   1.00 22.50 ? 96  ASP A OD2 1 
ATOM   61  N N   . LYS A 1 17 ? 4.001  2.316   7.154   1.00 19.27 ? 97  LYS A N   1 
ATOM   62  C CA  . LYS A 1 17 ? 3.702  0.919   7.060   1.00 19.25 ? 97  LYS A CA  1 
ATOM   63  C C   . LYS A 1 17 ? 2.220  0.816   6.870   1.00 20.62 ? 97  LYS A C   1 
ATOM   64  O O   . LYS A 1 17 ? 1.434  1.479   7.546   1.00 22.38 ? 97  LYS A O   1 
ATOM   65  C CB  . LYS A 1 17 ? 4.147  0.193   8.370   1.00 22.61 ? 97  LYS A CB  1 
ATOM   66  C CG  . LYS A 1 17 ? 5.624  0.401   8.717   1.00 22.62 ? 97  LYS A CG  1 
ATOM   67  C CD  . LYS A 1 17 ? 6.504  0.076   7.529   1.00 32.20 ? 97  LYS A CD  1 
ATOM   68  C CE  . LYS A 1 17 ? 7.987  0.287   7.731   1.00 36.65 ? 97  LYS A CE  1 
ATOM   69  N NZ  . LYS A 1 17 ? 8.685  -0.511  6.686   1.00 41.82 ? 97  LYS A NZ  1 
ATOM   70  N N   . CYS A 1 18 ? 1.830  -0.035  5.940   1.00 17.81 ? 98  CYS A N   1 
ATOM   71  C CA  . CYS A 1 18 ? 0.461  -0.384  5.731   1.00 16.64 ? 98  CYS A CA  1 
ATOM   72  C C   . CYS A 1 18 ? 0.322  -1.869  5.335   1.00 17.46 ? 98  CYS A C   1 
ATOM   73  O O   . CYS A 1 18 ? 1.268  -2.633  5.322   1.00 19.70 ? 98  CYS A O   1 
ATOM   74  C CB  . CYS A 1 18 ? -0.123 0.486   4.653   1.00 16.24 ? 98  CYS A CB  1 
ATOM   75  S SG  . CYS A 1 18 ? 0.654  0.166   3.090   1.00 19.41 ? 98  CYS A SG  1 
ATOM   76  N N   . SER A 1 19 ? -0.900 -2.287  5.061   1.00 20.77 ? 99  SER A N   1 
ATOM   77  C CA  . SER A 1 19 ? -1.171 -3.557  4.432   1.00 19.02 ? 99  SER A CA  1 
ATOM   78  C C   . SER A 1 19 ? -1.939 -3.241  3.147   1.00 16.13 ? 99  SER A C   1 
ATOM   79  O O   . SER A 1 19 ? -2.578 -2.190  3.056   1.00 19.39 ? 99  SER A O   1 
ATOM   80  C CB  . SER A 1 19 ? -1.972 -4.400  5.431   1.00 21.53 ? 99  SER A CB  1 
ATOM   81  O OG  . SER A 1 19 ? -1.066 -4.821  6.439   1.00 27.61 ? 99  SER A OG  1 
ATOM   82  N N   . ALA A 1 20 ? -1.740 -4.032  2.095   1.00 17.89 ? 100 ALA A N   1 
ATOM   83  C CA  . ALA A 1 20 ? -2.445 -3.789  0.858   1.00 18.68 ? 100 ALA A CA  1 
ATOM   84  C C   . ALA A 1 20 ? -2.836 -5.128  0.214   1.00 19.86 ? 100 ALA A C   1 
ATOM   85  O O   . ALA A 1 20 ? -2.277 -6.177  0.479   1.00 17.90 ? 100 ALA A O   1 
ATOM   86  C CB  . ALA A 1 20 ? -1.564 -2.997  -0.100  1.00 17.29 ? 100 ALA A CB  1 
ATOM   87  N N   . ILE A 1 21 ? -3.771 -5.037  -0.695  1.00 21.19 ? 101 ILE A N   1 
ATOM   88  C CA  . ILE A 1 21 ? -4.269 -6.211  -1.357  1.00 20.17 ? 101 ILE A CA  1 
ATOM   89  C C   . ILE A 1 21 ? -3.480 -6.374  -2.614  1.00 20.50 ? 101 ILE A C   1 
ATOM   90  O O   . ILE A 1 21 ? -3.534 -5.558  -3.487  1.00 18.84 ? 101 ILE A O   1 
ATOM   91  C CB  . ILE A 1 21 ? -5.778 -6.061  -1.632  1.00 22.41 ? 101 ILE A CB  1 
ATOM   92  C CG1 . ILE A 1 21 ? -6.565 -5.869  -0.332  1.00 24.61 ? 101 ILE A CG1 1 
ATOM   93  C CG2 . ILE A 1 21 ? -6.321 -7.288  -2.352  1.00 25.44 ? 101 ILE A CG2 1 
ATOM   94  C CD1 . ILE A 1 21 ? -7.945 -5.341  -0.582  1.00 27.12 ? 101 ILE A CD1 1 
ATOM   95  N N   . TRP A 1 22 ? -2.774 -7.485  -2.729  1.00 20.45 ? 102 TRP A N   1 
ATOM   96  C CA  . TRP A 1 22 ? -1.922 -7.724  -3.869  1.00 22.35 ? 102 TRP A CA  1 
ATOM   97  C C   . TRP A 1 22 ? -2.792 -8.030  -5.112  1.00 21.13 ? 102 TRP A C   1 
ATOM   98  O O   . TRP A 1 22 ? -3.743 -8.836  -5.071  1.00 23.52 ? 102 TRP A O   1 
ATOM   99  C CB  . TRP A 1 22 ? -0.959 -8.873  -3.511  1.00 23.81 ? 102 TRP A CB  1 
ATOM   100 C CG  . TRP A 1 22 ? -0.020 -9.255  -4.498  1.00 24.35 ? 102 TRP A CG  1 
ATOM   101 C CD1 . TRP A 1 22 ? 0.574  -8.449  -5.411  1.00 28.87 ? 102 TRP A CD1 1 
ATOM   102 C CD2 . TRP A 1 22 ? 0.518  -10.561 -4.698  1.00 25.51 ? 102 TRP A CD2 1 
ATOM   103 N NE1 . TRP A 1 22 ? 1.455  -9.169  -6.162  1.00 29.14 ? 102 TRP A NE1 1 
ATOM   104 C CE2 . TRP A 1 22 ? 1.438  -10.472 -5.748  1.00 25.12 ? 102 TRP A CE2 1 
ATOM   105 C CE3 . TRP A 1 22 ? 0.324  -11.801 -4.065  1.00 30.67 ? 102 TRP A CE3 1 
ATOM   106 C CZ2 . TRP A 1 22 ? 2.136  -11.573 -6.223  1.00 29.51 ? 102 TRP A CZ2 1 
ATOM   107 C CZ3 . TRP A 1 22 ? 1.063  -12.901 -4.522  1.00 29.96 ? 102 TRP A CZ3 1 
ATOM   108 C CH2 . TRP A 1 22 ? 1.921  -12.774 -5.611  1.00 27.47 ? 102 TRP A CH2 1 
ATOM   109 N N   . SER A 1 23 ? -2.516 -7.355  -6.180  1.00 19.99 ? 103 SER A N   1 
ATOM   110 C CA  . SER A 1 23 ? -3.348 -7.490  -7.381  1.00 24.26 ? 103 SER A CA  1 
ATOM   111 C C   . SER A 1 23 ? -3.332 -8.925  -7.912  1.00 25.71 ? 103 SER A C   1 
ATOM   112 O O   . SER A 1 23 ? -4.236 -9.302  -8.687  1.00 30.71 ? 103 SER A O   1 
ATOM   113 C CB  . SER A 1 23 ? -2.819 -6.580  -8.496  1.00 24.73 ? 103 SER A CB  1 
ATOM   114 O OG  . SER A 1 23 ? -1.461 -6.950  -8.823  1.00 25.51 ? 103 SER A OG  1 
ATOM   115 N N   . GLU A 1 24 ? -2.297 -9.704  -7.567  1.00 22.44 ? 104 GLU A N   1 
ATOM   116 C CA  . GLU A 1 24 ? -2.158 -11.067 -8.148  1.00 25.48 ? 104 GLU A CA  1 
ATOM   117 C C   . GLU A 1 24 ? -3.130 -12.060 -7.544  1.00 25.55 ? 104 GLU A C   1 
ATOM   118 O O   . GLU A 1 24 ? -3.683 -12.915 -8.252  1.00 27.87 ? 104 GLU A O   1 
ATOM   119 C CB  . GLU A 1 24 ? -0.712 -11.595 -7.985  1.00 25.69 ? 104 GLU A CB  1 
ATOM   120 C CG  . GLU A 1 24 ? -0.558 -13.094 -8.350  1.00 34.37 ? 104 GLU A CG  1 
ATOM   121 C CD  . GLU A 1 24 ? 0.870  -13.574 -8.445  1.00 39.95 ? 104 GLU A CD  1 
ATOM   122 O OE1 . GLU A 1 24 ? 1.718  -12.803 -9.000  1.00 38.98 ? 104 GLU A OE1 1 
ATOM   123 O OE2 . GLU A 1 24 ? 1.137  -14.714 -7.957  1.00 40.54 ? 104 GLU A OE2 1 
ATOM   124 N N   . ASP A 1 25 ? -3.305 -12.005 -6.228  1.00 24.42 ? 105 ASP A N   1 
ATOM   125 C CA  . ASP A 1 25 ? -4.061 -13.002 -5.518  1.00 23.03 ? 105 ASP A CA  1 
ATOM   126 C C   . ASP A 1 25 ? -5.199 -12.469 -4.651  1.00 23.04 ? 105 ASP A C   1 
ATOM   127 O O   . ASP A 1 25 ? -5.943 -13.256 -4.113  1.00 24.86 ? 105 ASP A O   1 
ATOM   128 C CB  . ASP A 1 25 ? -3.135 -13.888 -4.745  1.00 22.38 ? 105 ASP A CB  1 
ATOM   129 C CG  . ASP A 1 25 ? -2.605 -13.228 -3.532  1.00 28.21 ? 105 ASP A CG  1 
ATOM   130 O OD1 . ASP A 1 25 ? -2.895 -12.023 -3.384  1.00 21.93 ? 105 ASP A OD1 1 
ATOM   131 O OD2 . ASP A 1 25 ? -1.938 -13.918 -2.714  1.00 24.82 ? 105 ASP A OD2 1 
ATOM   132 N N   . GLY A 1 26 ? -5.379 -11.137 -4.580  1.00 20.26 ? 106 GLY A N   1 
ATOM   133 C CA  . GLY A 1 26 ? -6.504 -10.561 -3.874  1.00 19.14 ? 106 GLY A CA  1 
ATOM   134 C C   . GLY A 1 26 ? -6.465 -10.810 -2.361  1.00 19.32 ? 106 GLY A C   1 
ATOM   135 O O   . GLY A 1 26 ? -7.495 -10.793 -1.716  1.00 21.18 ? 106 GLY A O   1 
ATOM   136 N N   . CYS A 1 27 ? -5.261 -10.968 -1.832  1.00 18.73 ? 107 CYS A N   1 
ATOM   137 C CA  . CYS A 1 27 ? -5.035 -11.224 -0.425  1.00 20.31 ? 107 CYS A CA  1 
ATOM   138 C C   . CYS A 1 27 ? -4.228 -10.073 0.195   1.00 21.53 ? 107 CYS A C   1 
ATOM   139 O O   . CYS A 1 27 ? -3.524 -9.341  -0.527  1.00 20.67 ? 107 CYS A O   1 
ATOM   140 C CB  . CYS A 1 27 ? -4.239 -12.516 -0.322  1.00 23.83 ? 107 CYS A CB  1 
ATOM   141 S SG  . CYS A 1 27 ? -5.283 -13.993 -0.525  1.00 26.41 ? 107 CYS A SG  1 
ATOM   142 N N   . ILE A 1 28 ? -4.279 -9.950  1.529   1.00 20.95 ? 108 ILE A N   1 
ATOM   143 C CA  . ILE A 1 28 ? -3.721 -8.773  2.223   1.00 18.14 ? 108 ILE A CA  1 
ATOM   144 C C   . ILE A 1 28 ? -2.285 -9.086  2.623   1.00 21.21 ? 108 ILE A C   1 
ATOM   145 O O   . ILE A 1 28 ? -1.969 -10.224 3.152   1.00 20.48 ? 108 ILE A O   1 
ATOM   146 C CB  . ILE A 1 28 ? -4.541 -8.397  3.516   1.00 19.91 ? 108 ILE A CB  1 
ATOM   147 C CG1 . ILE A 1 28 ? -5.939 -7.946  3.091   1.00 20.98 ? 108 ILE A CG1 1 
ATOM   148 C CG2 . ILE A 1 28 ? -3.866 -7.249  4.251   1.00 16.85 ? 108 ILE A CG2 1 
ATOM   149 C CD1 . ILE A 1 28 ? -6.952 -8.010  4.208   1.00 21.39 ? 108 ILE A CD1 1 
ATOM   150 N N   . TYR A 1 29 ? -1.362 -8.141  2.345   1.00 23.56 ? 109 TYR A N   1 
ATOM   151 C CA  . TYR A 1 29 ? 0.032  -8.322  2.781   1.00 21.06 ? 109 TYR A CA  1 
ATOM   152 C C   . TYR A 1 29 ? 0.621  -7.046  3.341   1.00 23.31 ? 109 TYR A C   1 
ATOM   153 O O   . TYR A 1 29 ? 0.214  -5.960  2.928   1.00 20.37 ? 109 TYR A O   1 
ATOM   154 C CB  . TYR A 1 29 ? 0.929  -8.782  1.634   1.00 23.63 ? 109 TYR A CB  1 
ATOM   155 C CG  . TYR A 1 29 ? 0.507  -10.084 1.081   1.00 23.24 ? 109 TYR A CG  1 
ATOM   156 C CD1 . TYR A 1 29 ? 0.901  -11.286 1.690   1.00 21.26 ? 109 TYR A CD1 1 
ATOM   157 C CD2 . TYR A 1 29 ? -0.399 -10.137 -0.006  1.00 23.02 ? 109 TYR A CD2 1 
ATOM   158 C CE1 . TYR A 1 29 ? 0.462  -12.507 1.205   1.00 25.39 ? 109 TYR A CE1 1 
ATOM   159 C CE2 . TYR A 1 29 ? -0.848 -11.354 -0.489  1.00 21.73 ? 109 TYR A CE2 1 
ATOM   160 C CZ  . TYR A 1 29 ? -0.395 -12.531 0.084   1.00 27.46 ? 109 TYR A CZ  1 
ATOM   161 O OH  . TYR A 1 29 ? -0.866 -13.737 -0.398  1.00 24.37 ? 109 TYR A OH  1 
ATOM   162 N N   . PRO A 1 30 ? 1.627  -7.178  4.222   1.00 21.71 ? 110 PRO A N   1 
ATOM   163 C CA  . PRO A 1 30 ? 2.363  -5.960  4.680   1.00 22.64 ? 110 PRO A CA  1 
ATOM   164 C C   . PRO A 1 30 ? 3.156  -5.269  3.604   1.00 17.37 ? 110 PRO A C   1 
ATOM   165 O O   . PRO A 1 30 ? 3.739  -5.899  2.699   1.00 20.38 ? 110 PRO A O   1 
ATOM   166 C CB  . PRO A 1 30 ? 3.273  -6.475  5.814   1.00 23.82 ? 110 PRO A CB  1 
ATOM   167 C CG  . PRO A 1 30 ? 3.503  -7.880  5.500   1.00 27.53 ? 110 PRO A CG  1 
ATOM   168 C CD  . PRO A 1 30 ? 2.252  -8.405  4.780   1.00 26.66 ? 110 PRO A CD  1 
ATOM   169 N N   . ALA A 1 31 ? 3.144  -3.945  3.680   1.00 18.42 ? 111 ALA A N   1 
ATOM   170 C CA  . ALA A 1 31 ? 3.809  -3.146  2.686   1.00 19.76 ? 111 ALA A CA  1 
ATOM   171 C C   . ALA A 1 31 ? 4.238  -1.848  3.312   1.00 20.61 ? 111 ALA A C   1 
ATOM   172 O O   . ALA A 1 31 ? 3.843  -1.515  4.443   1.00 20.17 ? 111 ALA A O   1 
ATOM   173 C CB  . ALA A 1 31 ? 2.854  -2.860  1.581   1.00 22.26 ? 111 ALA A CB  1 
ATOM   174 N N   . THR A 1 32 ? 5.036  -1.115  2.551   1.00 20.23 ? 112 THR A N   1 
ATOM   175 C CA  . THR A 1 32 ? 5.484  0.260   2.886   1.00 19.94 ? 112 THR A CA  1 
ATOM   176 C C   . THR A 1 32 ? 5.136  1.211   1.730   1.00 18.33 ? 112 THR A C   1 
ATOM   177 O O   . THR A 1 32 ? 5.290  0.878   0.529   1.00 17.08 ? 112 THR A O   1 
ATOM   178 C CB  . THR A 1 32 ? 7.020  0.324   3.104   1.00 18.53 ? 112 THR A CB  1 
ATOM   179 O OG1 . THR A 1 32 ? 7.421  -0.638  4.055   1.00 18.08 ? 112 THR A OG1 1 
ATOM   180 C CG2 . THR A 1 32 ? 7.431  1.698   3.575   1.00 19.04 ? 112 THR A CG2 1 
ATOM   181 N N   . ILE A 1 33 ? 4.608  2.388   2.072   1.00 16.58 ? 113 ILE A N   1 
ATOM   182 C CA  . ILE A 1 33 ? 4.325  3.420   1.033   1.00 18.64 ? 113 ILE A CA  1 
ATOM   183 C C   . ILE A 1 33 ? 5.617  4.039   0.513   1.00 18.70 ? 113 ILE A C   1 
ATOM   184 O O   . ILE A 1 33 ? 6.343  4.664   1.274   1.00 18.04 ? 113 ILE A O   1 
ATOM   185 C CB  . ILE A 1 33 ? 3.382  4.534   1.542   1.00 18.37 ? 113 ILE A CB  1 
ATOM   186 C CG1 . ILE A 1 33 ? 2.130  3.904   2.217   1.00 23.14 ? 113 ILE A CG1 1 
ATOM   187 C CG2 . ILE A 1 33 ? 3.093  5.482   0.371   1.00 18.14 ? 113 ILE A CG2 1 
ATOM   188 C CD1 . ILE A 1 33 ? 1.058  4.881   2.712   1.00 23.24 ? 113 ILE A CD1 1 
ATOM   189 N N   . ALA A 1 34 ? 5.862  3.887   -0.795  1.00 16.88 ? 114 ALA A N   1 
ATOM   190 C CA  . ALA A 1 34 ? 7.049  4.432   -1.460  1.00 17.92 ? 114 ALA A CA  1 
ATOM   191 C C   . ALA A 1 34 ? 6.844  5.838   -1.960  1.00 19.52 ? 114 ALA A C   1 
ATOM   192 O O   . ALA A 1 34 ? 7.773  6.649   -1.975  1.00 20.51 ? 114 ALA A O   1 
ATOM   193 C CB  . ALA A 1 34 ? 7.469  3.523   -2.607  1.00 18.00 ? 114 ALA A CB  1 
ATOM   194 N N   . SER A 1 35 ? 5.623  6.141   -2.357  1.00 18.61 ? 115 SER A N   1 
ATOM   195 C CA  . SER A 1 35 ? 5.292  7.453   -2.916  1.00 19.45 ? 115 SER A CA  1 
ATOM   196 C C   . SER A 1 35 ? 3.773  7.569   -3.007  1.00 22.25 ? 115 SER A C   1 
ATOM   197 O O   . SER A 1 35 ? 3.059  6.553   -3.040  1.00 19.12 ? 115 SER A O   1 
ATOM   198 C CB  . SER A 1 35 ? 5.887  7.610   -4.317  1.00 19.40 ? 115 SER A CB  1 
ATOM   199 O OG  . SER A 1 35 ? 5.402  6.656   -5.266  1.00 18.96 ? 115 SER A OG  1 
ATOM   200 N N   . ILE A 1 36 ? 3.317  8.823   -3.027  1.00 21.62 ? 116 ILE A N   1 
ATOM   201 C CA  . ILE A 1 36 ? 1.912  9.234   -3.113  1.00 20.94 ? 116 ILE A CA  1 
ATOM   202 C C   . ILE A 1 36 ? 1.691  10.308  -4.189  1.00 22.00 ? 116 ILE A C   1 
ATOM   203 O O   . ILE A 1 36 ? 2.310  11.379  -4.141  1.00 20.83 ? 116 ILE A O   1 
ATOM   204 C CB  . ILE A 1 36 ? 1.418  9.780   -1.778  1.00 21.16 ? 116 ILE A CB  1 
ATOM   205 C CG1 . ILE A 1 36 ? 1.567  8.723   -0.673  1.00 19.74 ? 116 ILE A CG1 1 
ATOM   206 C CG2 . ILE A 1 36 ? -0.074 10.095  -1.903  1.00 24.98 ? 116 ILE A CG2 1 
ATOM   207 C CD1 . ILE A 1 36 ? 1.237  9.189   0.730   1.00 21.78 ? 116 ILE A CD1 1 
ATOM   208 N N   . ASP A 1 37 ? 0.778  10.020  -5.118  1.00 20.24 ? 117 ASP A N   1 
ATOM   209 C CA  . ASP A 1 37 ? 0.283  10.949  -6.124  1.00 22.92 ? 117 ASP A CA  1 
ATOM   210 C C   . ASP A 1 37 ? -1.030 11.526  -5.657  1.00 20.49 ? 117 ASP A C   1 
ATOM   211 O O   . ASP A 1 37 ? -2.064 10.892  -5.818  1.00 21.03 ? 117 ASP A O   1 
ATOM   212 C CB  . ASP A 1 37 ? 0.010  10.235  -7.453  1.00 23.94 ? 117 ASP A CB  1 
ATOM   213 C CG  . ASP A 1 37 ? -0.204 11.215  -8.594  1.00 27.75 ? 117 ASP A CG  1 
ATOM   214 O OD1 . ASP A 1 37 ? -0.710 12.337  -8.335  1.00 27.55 ? 117 ASP A OD1 1 
ATOM   215 O OD2 . ASP A 1 37 ? 0.167  10.825  -9.707  1.00 29.22 ? 117 ASP A OD2 1 
ATOM   216 N N   . PHE A 1 38 ? -0.996 12.695  -5.038  1.00 22.33 ? 118 PHE A N   1 
ATOM   217 C CA  . PHE A 1 38 ? -2.226 13.287  -4.482  1.00 22.88 ? 118 PHE A CA  1 
ATOM   218 C C   . PHE A 1 38 ? -3.249 13.685  -5.565  1.00 28.41 ? 118 PHE A C   1 
ATOM   219 O O   . PHE A 1 38 ? -4.423 13.575  -5.331  1.00 31.83 ? 118 PHE A O   1 
ATOM   220 C CB  . PHE A 1 38 ? -1.935 14.436  -3.546  1.00 25.66 ? 118 PHE A CB  1 
ATOM   221 C CG  . PHE A 1 38 ? -1.132 14.041  -2.307  1.00 29.90 ? 118 PHE A CG  1 
ATOM   222 C CD1 . PHE A 1 38 ? -1.646 13.152  -1.389  1.00 31.09 ? 118 PHE A CD1 1 
ATOM   223 C CD2 . PHE A 1 38 ? 0.116  14.563  -2.085  1.00 35.67 ? 118 PHE A CD2 1 
ATOM   224 C CE1 . PHE A 1 38 ? -0.925 12.791  -0.238  1.00 33.73 ? 118 PHE A CE1 1 
ATOM   225 C CE2 . PHE A 1 38 ? 0.844  14.196  -0.965  1.00 33.43 ? 118 PHE A CE2 1 
ATOM   226 C CZ  . PHE A 1 38 ? 0.325  13.299  -0.048  1.00 32.75 ? 118 PHE A CZ  1 
ATOM   227 N N   . LYS A 1 39 ? -2.800 14.110  -6.745  1.00 29.02 ? 119 LYS A N   1 
ATOM   228 C CA  . LYS A 1 39 ? -3.714 14.511  -7.838  1.00 30.59 ? 119 LYS A CA  1 
ATOM   229 C C   . LYS A 1 39 ? -4.496 13.291  -8.358  1.00 28.62 ? 119 LYS A C   1 
ATOM   230 O O   . LYS A 1 39 ? -5.719 13.335  -8.537  1.00 31.07 ? 119 LYS A O   1 
ATOM   231 C CB  . LYS A 1 39 ? -2.912 15.232  -8.967  1.00 36.91 ? 119 LYS A CB  1 
ATOM   232 C CG  . LYS A 1 39 ? -3.507 16.530  -9.521  1.00 39.68 ? 119 LYS A CG  1 
ATOM   233 N N   . ARG A 1 40 ? -3.794 12.183  -8.559  1.00 27.30 ? 120 ARG A N   1 
ATOM   234 C CA  . ARG A 1 40 ? -4.414 10.933  -9.008  1.00 28.73 ? 120 ARG A CA  1 
ATOM   235 C C   . ARG A 1 40 ? -5.035 10.076  -7.901  1.00 24.19 ? 120 ARG A C   1 
ATOM   236 O O   . ARG A 1 40 ? -5.822 9.164   -8.200  1.00 26.73 ? 120 ARG A O   1 
ATOM   237 C CB  . ARG A 1 40 ? -3.406 10.090  -9.805  1.00 30.00 ? 120 ARG A CB  1 
ATOM   238 C CG  . ARG A 1 40 ? -2.856 10.768  -11.044 1.00 32.38 ? 120 ARG A CG  1 
ATOM   239 C CD  . ARG A 1 40 ? -3.125 9.976   -12.301 1.00 32.20 ? 120 ARG A CD  1 
ATOM   240 N NE  . ARG A 1 40 ? -2.718 10.761  -13.490 1.00 29.05 ? 120 ARG A NE  1 
ATOM   241 C CZ  . ARG A 1 40 ? -3.550 11.278  -14.416 1.00 23.53 ? 120 ARG A CZ  1 
ATOM   242 N NH1 . ARG A 1 40 ? -4.877 11.128  -14.369 1.00 26.19 ? 120 ARG A NH1 1 
ATOM   243 N NH2 . ARG A 1 40 ? -3.004 11.918  -15.439 1.00 21.64 ? 120 ARG A NH2 1 
ATOM   244 N N   . GLU A 1 41 ? -4.715 10.394  -6.632  1.00 26.11 ? 121 GLU A N   1 
ATOM   245 C CA  . GLU A 1 41 ? -5.184 9.655   -5.460  1.00 24.72 ? 121 GLU A CA  1 
ATOM   246 C C   . GLU A 1 41 ? -4.713 8.212   -5.408  1.00 25.71 ? 121 GLU A C   1 
ATOM   247 O O   . GLU A 1 41 ? -5.415 7.292   -4.958  1.00 24.12 ? 121 GLU A O   1 
ATOM   248 C CB  . GLU A 1 41 ? -6.701 9.734   -5.369  1.00 29.64 ? 121 GLU A CB  1 
ATOM   249 C CG  . GLU A 1 41 ? -7.132 11.154  -5.119  1.00 36.61 ? 121 GLU A CG  1 
ATOM   250 C CD  . GLU A 1 41 ? -8.635 11.374  -5.251  1.00 43.64 ? 121 GLU A CD  1 
ATOM   251 O OE1 . GLU A 1 41 ? -9.422 10.398  -5.277  1.00 31.41 ? 121 GLU A OE1 1 
ATOM   252 O OE2 . GLU A 1 41 ? -9.012 12.567  -5.304  1.00 46.71 ? 121 GLU A OE2 1 
ATOM   253 N N   . THR A 1 42 ? -3.501 8.041   -5.908  1.00 23.97 ? 122 THR A N   1 
ATOM   254 C CA  . THR A 1 42 ? -2.837 6.760   -5.922  1.00 20.90 ? 122 THR A CA  1 
ATOM   255 C C   . THR A 1 42 ? -1.558 6.798   -5.075  1.00 21.85 ? 122 THR A C   1 
ATOM   256 O O   . THR A 1 42 ? -1.099 7.852   -4.599  1.00 20.80 ? 122 THR A O   1 
ATOM   257 C CB  . THR A 1 42 ? -2.542 6.337   -7.377  1.00 21.37 ? 122 THR A CB  1 
ATOM   258 O OG1 . THR A 1 42 ? -1.654 7.298   -8.013  1.00 21.92 ? 122 THR A OG1 1 
ATOM   259 C CG2 . THR A 1 42 ? -3.846 6.183   -8.107  1.00 25.54 ? 122 THR A CG2 1 
ATOM   260 N N   . CYS A 1 43 ? -0.995 5.621   -4.896  1.00 20.97 ? 123 CYS A N   1 
ATOM   261 C CA  . CYS A 1 43 ? 0.342  5.494   -4.344  1.00 20.62 ? 123 CYS A CA  1 
ATOM   262 C C   . CYS A 1 43 ? 1.021  4.259   -4.896  1.00 18.89 ? 123 CYS A C   1 
ATOM   263 O O   . CYS A 1 43 ? 0.397  3.469   -5.566  1.00 19.98 ? 123 CYS A O   1 
ATOM   264 C CB  . CYS A 1 43 ? 0.242  5.427   -2.819  1.00 19.82 ? 123 CYS A CB  1 
ATOM   265 S SG  . CYS A 1 43 ? -0.714 4.016   -2.215  1.00 21.54 ? 123 CYS A SG  1 
ATOM   266 N N   . VAL A 1 44 ? 2.308  4.150   -4.617  1.00 20.46 ? 124 VAL A N   1 
ATOM   267 C CA  . VAL A 1 44 ? 3.115  2.958   -4.910  1.00 21.94 ? 124 VAL A CA  1 
ATOM   268 C C   . VAL A 1 44 ? 3.515  2.368   -3.596  1.00 20.28 ? 124 VAL A C   1 
ATOM   269 O O   . VAL A 1 44 ? 4.006  3.090   -2.686  1.00 18.67 ? 124 VAL A O   1 
ATOM   270 C CB  . VAL A 1 44 ? 4.400  3.294   -5.674  1.00 19.67 ? 124 VAL A CB  1 
ATOM   271 C CG1 . VAL A 1 44 ? 5.250  2.050   -5.918  1.00 23.44 ? 124 VAL A CG1 1 
ATOM   272 C CG2 . VAL A 1 44 ? 4.010  3.942   -7.038  1.00 22.26 ? 124 VAL A CG2 1 
ATOM   273 N N   . VAL A 1 45 ? 3.269  1.063   -3.468  1.00 17.09 ? 125 VAL A N   1 
ATOM   274 C CA  . VAL A 1 45 ? 3.678  0.354   -2.274  1.00 16.79 ? 125 VAL A CA  1 
ATOM   275 C C   . VAL A 1 45 ? 4.712  -0.708  -2.585  1.00 19.35 ? 125 VAL A C   1 
ATOM   276 O O   . VAL A 1 45 ? 4.723  -1.274  -3.708  1.00 19.32 ? 125 VAL A O   1 
ATOM   277 C CB  . VAL A 1 45 ? 2.485  -0.295  -1.538  1.00 21.14 ? 125 VAL A CB  1 
ATOM   278 C CG1 . VAL A 1 45 ? 1.420  0.724   -1.182  1.00 19.81 ? 125 VAL A CG1 1 
ATOM   279 C CG2 . VAL A 1 45 ? 1.862  -1.433  -2.319  1.00 19.75 ? 125 VAL A CG2 1 
ATOM   280 N N   . VAL A 1 46 ? 5.551  -1.021  -1.592  1.00 18.10 ? 126 VAL A N   1 
ATOM   281 C CA  . VAL A 1 46 ? 6.526  -2.062  -1.706  1.00 19.34 ? 126 VAL A CA  1 
ATOM   282 C C   . VAL A 1 46 ? 6.144  -3.111  -0.669  1.00 19.41 ? 126 VAL A C   1 
ATOM   283 O O   . VAL A 1 46 ? 6.003  -2.816  0.507   1.00 17.24 ? 126 VAL A O   1 
ATOM   284 C CB  . VAL A 1 46 ? 7.967  -1.572  -1.440  1.00 21.52 ? 126 VAL A CB  1 
ATOM   285 C CG1 . VAL A 1 46 ? 8.948  -2.712  -1.592  1.00 22.37 ? 126 VAL A CG1 1 
ATOM   286 C CG2 . VAL A 1 46 ? 8.327  -0.461  -2.413  1.00 22.99 ? 126 VAL A CG2 1 
ATOM   287 N N   . TYR A 1 47 ? 5.886  -4.316  -1.158  1.00 17.42 ? 127 TYR A N   1 
ATOM   288 C CA  . TYR A 1 47 ? 5.528  -5.461  -0.374  1.00 19.47 ? 127 TYR A CA  1 
ATOM   289 C C   . TYR A 1 47 ? 6.724  -5.965  0.402   1.00 19.80 ? 127 TYR A C   1 
ATOM   290 O O   . TYR A 1 47 ? 7.700  -6.364  -0.160  1.00 21.45 ? 127 TYR A O   1 
ATOM   291 C CB  . TYR A 1 47 ? 4.880  -6.552  -1.228  1.00 23.82 ? 127 TYR A CB  1 
ATOM   292 C CG  . TYR A 1 47 ? 3.537  -6.107  -1.775  1.00 19.88 ? 127 TYR A CG  1 
ATOM   293 C CD1 . TYR A 1 47 ? 2.406  -6.026  -0.938  1.00 21.20 ? 127 TYR A CD1 1 
ATOM   294 C CD2 . TYR A 1 47 ? 3.388  -5.739  -3.130  1.00 23.16 ? 127 TYR A CD2 1 
ATOM   295 C CE1 . TYR A 1 47 ? 1.169  -5.584  -1.433  1.00 24.09 ? 127 TYR A CE1 1 
ATOM   296 C CE2 . TYR A 1 47 ? 2.149  -5.359  -3.625  1.00 23.12 ? 127 TYR A CE2 1 
ATOM   297 C CZ  . TYR A 1 47 ? 1.050  -5.262  -2.790  1.00 22.54 ? 127 TYR A CZ  1 
ATOM   298 O OH  . TYR A 1 47 ? -0.155 -4.835  -3.301  1.00 24.17 ? 127 TYR A OH  1 
ATOM   299 N N   . THR A 1 48 ? 6.608  -5.924  1.727   1.00 21.01 ? 128 THR A N   1 
ATOM   300 C CA  . THR A 1 48 ? 7.707  -6.297  2.600   1.00 24.19 ? 128 THR A CA  1 
ATOM   301 C C   . THR A 1 48 ? 8.148  -7.745  2.346   1.00 23.62 ? 128 THR A C   1 
ATOM   302 O O   . THR A 1 48 ? 7.323  -8.649  2.299   1.00 22.30 ? 128 THR A O   1 
ATOM   303 C CB  . THR A 1 48 ? 7.252  -6.201  4.055   1.00 25.29 ? 128 THR A CB  1 
ATOM   304 O OG1 . THR A 1 48 ? 6.702  -4.925  4.277   1.00 20.97 ? 128 THR A OG1 1 
ATOM   305 C CG2 . THR A 1 48 ? 8.390  -6.473  5.075   1.00 29.96 ? 128 THR A CG2 1 
ATOM   306 N N   . GLY A 1 49 ? 9.455  -7.952  2.170   1.00 23.57 ? 129 GLY A N   1 
ATOM   307 C CA  . GLY A 1 49 ? 10.007 -9.294  1.954   1.00 23.67 ? 129 GLY A CA  1 
ATOM   308 C C   . GLY A 1 49 ? 9.891  -9.910  0.591   1.00 25.71 ? 129 GLY A C   1 
ATOM   309 O O   . GLY A 1 49 ? 10.374 -11.016 0.363   1.00 30.78 ? 129 GLY A O   1 
ATOM   310 N N   . TYR A 1 50 ? 9.231  -9.194  -0.316  1.00 23.60 ? 130 TYR A N   1 
ATOM   311 C CA  . TYR A 1 50 ? 9.008  -9.636  -1.659  1.00 25.44 ? 130 TYR A CA  1 
ATOM   312 C C   . TYR A 1 50 ? 9.546  -8.742  -2.683  1.00 25.54 ? 130 TYR A C   1 
ATOM   313 O O   . TYR A 1 50 ? 9.445  -9.066  -3.860  1.00 41.64 ? 130 TYR A O   1 
ATOM   314 C CB  . TYR A 1 50 ? 7.514  -9.732  -1.931  1.00 29.40 ? 130 TYR A CB  1 
ATOM   315 C CG  . TYR A 1 50 ? 6.873  -10.828 -1.152  1.00 31.03 ? 130 TYR A CG  1 
ATOM   316 C CD1 . TYR A 1 50 ? 7.052  -12.143 -1.514  1.00 39.55 ? 130 TYR A CD1 1 
ATOM   317 C CD2 . TYR A 1 50 ? 6.070  -10.546 -0.048  1.00 31.69 ? 130 TYR A CD2 1 
ATOM   318 C CE1 . TYR A 1 50 ? 6.437  -13.166 -0.794  1.00 39.14 ? 130 TYR A CE1 1 
ATOM   319 C CE2 . TYR A 1 50 ? 5.455  -11.555 0.663   1.00 39.05 ? 130 TYR A CE2 1 
ATOM   320 C CZ  . TYR A 1 50 ? 5.649  -12.865 0.281   1.00 41.50 ? 130 TYR A CZ  1 
ATOM   321 O OH  . TYR A 1 50 ? 5.041  -13.888 0.984   1.00 51.25 ? 130 TYR A OH  1 
ATOM   322 N N   . GLY A 1 51 ? 10.009 -7.562  -2.338  1.00 23.89 ? 131 GLY A N   1 
ATOM   323 C CA  . GLY A 1 51 ? 10.797 -6.767  -3.305  1.00 28.14 ? 131 GLY A CA  1 
ATOM   324 C C   . GLY A 1 51 ? 10.025 -6.006  -4.368  1.00 33.40 ? 131 GLY A C   1 
ATOM   325 O O   . GLY A 1 51 ? 10.510 -4.996  -4.912  1.00 39.95 ? 131 GLY A O   1 
ATOM   326 N N   . ASN A 1 52 ? 8.799  -6.425  -4.628  1.00 26.88 ? 132 ASN A N   1 
ATOM   327 C CA  . ASN A 1 52 ? 8.060  -5.902  -5.729  1.00 28.18 ? 132 ASN A CA  1 
ATOM   328 C C   . ASN A 1 52 ? 7.200  -4.696  -5.309  1.00 31.28 ? 132 ASN A C   1 
ATOM   329 O O   . ASN A 1 52 ? 6.865  -4.497  -4.143  1.00 30.31 ? 132 ASN A O   1 
ATOM   330 C CB  . ASN A 1 52 ? 7.217  -7.006  -6.357  1.00 26.84 ? 132 ASN A CB  1 
ATOM   331 C CG  . ASN A 1 52 ? 6.100  -7.493  -5.451  1.00 29.88 ? 132 ASN A CG  1 
ATOM   332 O OD1 . ASN A 1 52 ? 6.352  -7.892  -4.335  1.00 27.11 ? 132 ASN A OD1 1 
ATOM   333 N ND2 . ASN A 1 52 ? 4.854  -7.465  -5.931  1.00 34.38 ? 132 ASN A ND2 1 
ATOM   334 N N   . ARG A 1 53 ? 6.872  -3.871  -6.277  1.00 27.93 ? 133 ARG A N   1 
ATOM   335 C CA  . ARG A 1 53 ? 6.018  -2.763  -6.000  1.00 26.18 ? 133 ARG A CA  1 
ATOM   336 C C   . ARG A 1 53 ? 4.835  -2.706  -6.959  1.00 28.95 ? 133 ARG A C   1 
ATOM   337 O O   . ARG A 1 53 ? 4.869  -3.209  -8.109  1.00 24.19 ? 133 ARG A O   1 
ATOM   338 C CB  . ARG A 1 53 ? 6.825  -1.504  -6.130  1.00 25.76 ? 133 ARG A CB  1 
ATOM   339 C CG  . ARG A 1 53 ? 7.210  -1.180  -7.551  1.00 31.02 ? 133 ARG A CG  1 
ATOM   340 C CD  . ARG A 1 53 ? 8.176  -0.025  -7.543  1.00 31.99 ? 133 ARG A CD  1 
ATOM   341 N NE  . ARG A 1 53 ? 9.439  -0.368  -6.896  1.00 33.28 ? 133 ARG A NE  1 
ATOM   342 C CZ  . ARG A 1 53 ? 10.360 0.537   -6.546  1.00 40.59 ? 133 ARG A CZ  1 
ATOM   343 N NH1 . ARG A 1 53 ? 10.139 1.853   -6.734  1.00 37.68 ? 133 ARG A NH1 1 
ATOM   344 N NH2 . ARG A 1 53 ? 11.501 0.143   -5.998  1.00 28.40 ? 133 ARG A NH2 1 
ATOM   345 N N   . GLU A 1 54 ? 3.779  -2.057  -6.501  1.00 22.71 ? 134 GLU A N   1 
ATOM   346 C CA  . GLU A 1 54 ? 2.677  -1.808  -7.403  1.00 22.09 ? 134 GLU A CA  1 
ATOM   347 C C   . GLU A 1 54 ? 1.876  -0.644  -6.896  1.00 20.86 ? 134 GLU A C   1 
ATOM   348 O O   . GLU A 1 54 ? 1.970  -0.268  -5.755  1.00 22.47 ? 134 GLU A O   1 
ATOM   349 C CB  . GLU A 1 54 ? 1.820  -3.059  -7.612  1.00 25.98 ? 134 GLU A CB  1 
ATOM   350 C CG  . GLU A 1 54 ? 0.686  -3.247  -6.602  1.00 25.80 ? 134 GLU A CG  1 
ATOM   351 C CD  . GLU A 1 54 ? -0.022 -4.576  -6.757  1.00 28.33 ? 134 GLU A CD  1 
ATOM   352 O OE1 . GLU A 1 54 ? -0.572 -5.017  -5.755  1.00 25.54 ? 134 GLU A OE1 1 
ATOM   353 O OE2 . GLU A 1 54 ? 0.010  -5.181  -7.860  1.00 32.50 ? 134 GLU A OE2 1 
ATOM   354 N N   . GLU A 1 55 ? 1.120  -0.053  -7.803  1.00 23.82 ? 135 GLU A N   1 
ATOM   355 C CA  . GLU A 1 55 ? 0.297  1.072   -7.486  1.00 24.49 ? 135 GLU A CA  1 
ATOM   356 C C   . GLU A 1 55 ? -1.033 0.592   -6.832  1.00 21.51 ? 135 GLU A C   1 
ATOM   357 O O   . GLU A 1 55 ? -1.566 -0.487  -7.108  1.00 22.58 ? 135 GLU A O   1 
ATOM   358 C CB  . GLU A 1 55 ? 0.088  1.905   -8.767  1.00 26.35 ? 135 GLU A CB  1 
ATOM   359 C CG  . GLU A 1 55 ? -0.908 3.044   -8.721  1.00 32.01 ? 135 GLU A CG  1 
ATOM   360 C CD  . GLU A 1 55 ? -1.252 3.468   -10.158 1.00 41.54 ? 135 GLU A CD  1 
ATOM   361 O OE1 . GLU A 1 55 ? -2.418 3.285   -10.568 1.00 48.26 ? 135 GLU A OE1 1 
ATOM   362 O OE2 . GLU A 1 55 ? -0.329 3.885   -10.893 1.00 37.59 ? 135 GLU A OE2 1 
ATOM   363 N N   . GLN A 1 56 ? -1.518 1.394   -5.911  1.00 20.81 ? 136 GLN A N   1 
ATOM   364 C CA  . GLN A 1 56 ? -2.763 1.165   -5.219  1.00 20.77 ? 136 GLN A CA  1 
ATOM   365 C C   . GLN A 1 56 ? -3.466 2.456   -5.273  1.00 20.46 ? 136 GLN A C   1 
ATOM   366 O O   . GLN A 1 56 ? -2.830 3.482   -5.326  1.00 22.28 ? 136 GLN A O   1 
ATOM   367 C CB  . GLN A 1 56 ? -2.562 0.824   -3.730  1.00 21.32 ? 136 GLN A CB  1 
ATOM   368 C CG  . GLN A 1 56 ? -1.882 -0.505  -3.543  1.00 23.41 ? 136 GLN A CG  1 
ATOM   369 C CD  . GLN A 1 56 ? -2.814 -1.680  -3.651  1.00 22.11 ? 136 GLN A CD  1 
ATOM   370 O OE1 . GLN A 1 56 ? -4.060 -1.560  -3.503  1.00 22.06 ? 136 GLN A OE1 1 
ATOM   371 N NE2 . GLN A 1 56 ? -2.231 -2.831  -3.920  1.00 19.98 ? 136 GLN A NE2 1 
ATOM   372 N N   . ASN A 1 57 ? -4.790 2.391   -5.275  1.00 21.13 ? 137 ASN A N   1 
ATOM   373 C CA  . ASN A 1 57 ? -5.569 3.530   -4.824  1.00 20.84 ? 137 ASN A CA  1 
ATOM   374 C C   . ASN A 1 57 ? -5.310 3.840   -3.322  1.00 21.70 ? 137 ASN A C   1 
ATOM   375 O O   . ASN A 1 57 ? -5.368 2.960   -2.477  1.00 22.54 ? 137 ASN A O   1 
ATOM   376 C CB  . ASN A 1 57 ? -7.055 3.260   -5.086  1.00 26.22 ? 137 ASN A CB  1 
ATOM   377 C CG  . ASN A 1 57 ? -7.357 3.081   -6.580  1.00 31.46 ? 137 ASN A CG  1 
ATOM   378 O OD1 . ASN A 1 57 ? -6.899 3.857   -7.391  1.00 31.87 ? 137 ASN A OD1 1 
ATOM   379 N ND2 . ASN A 1 57 ? -8.064 2.020   -6.933  1.00 39.09 ? 137 ASN A ND2 1 
ATOM   380 N N   . LEU A 1 58 ? -5.082 5.095   -2.991  1.00 20.93 ? 138 LEU A N   1 
ATOM   381 C CA  A LEU A 1 58 ? -4.923 5.507   -1.583  0.60 23.26 ? 138 LEU A CA  1 
ATOM   382 C CA  B LEU A 1 58 ? -4.906 5.491   -1.603  0.40 23.79 ? 138 LEU A CA  1 
ATOM   383 C C   . LEU A 1 58 ? -6.061 5.021   -0.726  1.00 26.26 ? 138 LEU A C   1 
ATOM   384 O O   . LEU A 1 58 ? -5.849 4.565   0.391   1.00 27.08 ? 138 LEU A O   1 
ATOM   385 C CB  A LEU A 1 58 ? -4.799 7.030   -1.401  0.60 24.70 ? 138 LEU A CB  1 
ATOM   386 C CB  B LEU A 1 58 ? -4.739 7.004   -1.508  0.40 25.07 ? 138 LEU A CB  1 
ATOM   387 C CG  A LEU A 1 58 ? -3.431 7.713   -1.509  0.60 21.86 ? 138 LEU A CG  1 
ATOM   388 C CG  B LEU A 1 58 ? -4.092 7.548   -0.246  0.40 23.36 ? 138 LEU A CG  1 
ATOM   389 C CD1 A LEU A 1 58 ? -3.590 9.232   -1.483  0.60 22.93 ? 138 LEU A CD1 1 
ATOM   390 C CD1 B LEU A 1 58 ? -2.640 7.118   -0.202  0.40 23.93 ? 138 LEU A CD1 1 
ATOM   391 C CD2 A LEU A 1 58 ? -2.489 7.283   -0.402  0.60 21.02 ? 138 LEU A CD2 1 
ATOM   392 C CD2 B LEU A 1 58 ? -4.185 9.059   -0.238  0.40 24.07 ? 138 LEU A CD2 1 
ATOM   393 N N   . SER A 1 59 ? -7.285 5.131   -1.246  1.00 24.20 ? 139 SER A N   1 
ATOM   394 C CA  . SER A 1 59 ? -8.451 4.744   -0.507  1.00 29.17 ? 139 SER A CA  1 
ATOM   395 C C   . SER A 1 59 ? -8.449 3.264   -0.155  1.00 26.44 ? 139 SER A C   1 
ATOM   396 O O   . SER A 1 59 ? -9.177 2.864   0.788   1.00 26.85 ? 139 SER A O   1 
ATOM   397 C CB  . SER A 1 59 ? -9.733 5.032   -1.320  1.00 25.75 ? 139 SER A CB  1 
ATOM   398 O OG  . SER A 1 59 ? -9.667 4.383   -2.607  1.00 31.88 ? 139 SER A OG  1 
ATOM   399 N N   . ASP A 1 60 ? -7.720 2.457   -0.940  1.00 26.36 ? 140 ASP A N   1 
ATOM   400 C CA  . ASP A 1 60 ? -7.670 1.007   -0.753  1.00 21.84 ? 140 ASP A CA  1 
ATOM   401 C C   . ASP A 1 60 ? -6.663 0.461   0.286   1.00 23.50 ? 140 ASP A C   1 
ATOM   402 O O   . ASP A 1 60 ? -6.709 -0.743  0.555   1.00 24.13 ? 140 ASP A O   1 
ATOM   403 C CB  . ASP A 1 60 ? -7.425 0.268   -2.076  1.00 23.70 ? 140 ASP A CB  1 
ATOM   404 C CG  . ASP A 1 60 ? -8.572 0.442   -3.085  1.00 26.03 ? 140 ASP A CG  1 
ATOM   405 O OD1 . ASP A 1 60 ? -9.686 0.746   -2.648  1.00 36.95 ? 140 ASP A OD1 1 
ATOM   406 O OD2 . ASP A 1 60 ? -8.337 0.270   -4.290  1.00 37.32 ? 140 ASP A OD2 1 
ATOM   407 N N   . LEU A 1 61 ? -5.740 1.276   0.795   1.00 21.76 ? 141 LEU A N   1 
ATOM   408 C CA  . LEU A 1 61 ? -4.779 0.784   1.767   1.00 18.29 ? 141 LEU A CA  1 
ATOM   409 C C   . LEU A 1 61 ? -5.441 0.382   3.081   1.00 21.69 ? 141 LEU A C   1 
ATOM   410 O O   . LEU A 1 61 ? -6.426 0.966   3.459   1.00 24.29 ? 141 LEU A O   1 
ATOM   411 C CB  . LEU A 1 61 ? -3.690 1.805   2.080   1.00 16.22 ? 141 LEU A CB  1 
ATOM   412 C CG  . LEU A 1 61 ? -2.916 2.296   0.848   1.00 16.95 ? 141 LEU A CG  1 
ATOM   413 C CD1 . LEU A 1 61 ? -1.854 3.326   1.214   1.00 20.06 ? 141 LEU A CD1 1 
ATOM   414 C CD2 . LEU A 1 61 ? -2.307 1.182   0.017   1.00 17.03 ? 141 LEU A CD2 1 
ATOM   415 N N   . LEU A 1 62 ? -4.819 -0.554  3.796   1.00 20.48 ? 142 LEU A N   1 
ATOM   416 C CA  . LEU A 1 62 ? -5.342 -1.051  5.087   1.00 23.56 ? 142 LEU A CA  1 
ATOM   417 C C   . LEU A 1 62 ? -4.388 -0.785  6.244   1.00 22.18 ? 142 LEU A C   1 
ATOM   418 O O   . LEU A 1 62 ? -3.178 -0.575  6.051   1.00 22.68 ? 142 LEU A O   1 
ATOM   419 C CB  . LEU A 1 62 ? -5.673 -2.543  5.004   1.00 24.12 ? 142 LEU A CB  1 
ATOM   420 C CG  . LEU A 1 62 ? -6.579 -2.959  3.819   1.00 25.75 ? 142 LEU A CG  1 
ATOM   421 C CD1 . LEU A 1 62 ? -6.571 -4.447  3.630   1.00 29.18 ? 142 LEU A CD1 1 
ATOM   422 C CD2 . LEU A 1 62 ? -7.988 -2.448  3.973   1.00 28.03 ? 142 LEU A CD2 1 
ATOM   423 N N   . SER A 1 63 ? -4.953 -0.756  7.454   1.00 22.13 ? 143 SER A N   1 
ATOM   424 C CA  A SER A 1 63 ? -4.151 -0.769  8.647   0.70 23.00 ? 143 SER A CA  1 
ATOM   425 C CA  B SER A 1 63 ? -4.150 -0.780  8.665   0.30 22.79 ? 143 SER A CA  1 
ATOM   426 C C   . SER A 1 63 ? -3.018 -1.817  8.545   1.00 22.86 ? 143 SER A C   1 
ATOM   427 O O   . SER A 1 63 ? -3.243 -2.924  8.097   1.00 21.27 ? 143 SER A O   1 
ATOM   428 C CB  A SER A 1 63 ? -5.048 -1.139  9.833   0.70 25.11 ? 143 SER A CB  1 
ATOM   429 C CB  B SER A 1 63 ? -5.015 -1.159  9.881   0.30 23.74 ? 143 SER A CB  1 
ATOM   430 O OG  A SER A 1 63 ? -4.286 -1.386  10.988  0.70 25.44 ? 143 SER A OG  1 
ATOM   431 O OG  B SER A 1 63 ? -6.018 -0.194  10.159  0.30 24.14 ? 143 SER A OG  1 
ATOM   432 N N   . PRO A 1 64 ? -1.821 -1.466  9.019   1.00 21.88 ? 144 PRO A N   1 
ATOM   433 C CA  . PRO A 1 64 ? -0.697 -2.372  9.050   1.00 25.54 ? 144 PRO A CA  1 
ATOM   434 C C   . PRO A 1 64 ? -0.884 -3.527  9.998   1.00 25.75 ? 144 PRO A C   1 
ATOM   435 O O   . PRO A 1 64 ? -0.065 -4.451  10.032  1.00 27.84 ? 144 PRO A O   1 
ATOM   436 C CB  . PRO A 1 64 ? 0.470  -1.487  9.525   1.00 21.62 ? 144 PRO A CB  1 
ATOM   437 C CG  . PRO A 1 64 ? -0.199 -0.442  10.358  1.00 23.96 ? 144 PRO A CG  1 
ATOM   438 C CD  . PRO A 1 64 ? -1.496 -0.163  9.640   1.00 19.63 ? 144 PRO A CD  1 
ATOM   439 N N   . ILE A 1 65 ? -1.937 -3.511  10.776  1.00 22.90 ? 145 ILE A N   1 
ATOM   440 C CA  . ILE A 1 65 ? -2.232 -4.718  11.560  1.00 32.02 ? 145 ILE A CA  1 
ATOM   441 C C   . ILE A 1 65 ? -2.994 -5.828  10.820  1.00 34.78 ? 145 ILE A C   1 
ATOM   442 O O   . ILE A 1 65 ? -3.020 -6.970  11.284  1.00 36.40 ? 145 ILE A O   1 
ATOM   443 C CB  . ILE A 1 65 ? -2.828 -4.363  12.937  1.00 32.61 ? 145 ILE A CB  1 
ATOM   444 C CG1 . ILE A 1 65 ? -4.114 -3.566  12.893  1.00 37.11 ? 145 ILE A CG1 1 
ATOM   445 C CG2 . ILE A 1 65 ? -1.851 -3.447  13.635  1.00 34.71 ? 145 ILE A CG2 1 
ATOM   446 C CD1 . ILE A 1 65 ? -5.301 -4.265  12.304  1.00 42.59 ? 145 ILE A CD1 1 
ATOM   447 N N   . CYS A 1 66 ? -3.582 -5.496  9.657   1.00 31.84 ? 146 CYS A N   1 
ATOM   448 C CA  . CYS A 1 66 ? -4.249 -6.474  8.823   1.00 26.78 ? 146 CYS A CA  1 
ATOM   449 C C   . CYS A 1 66 ? -3.187 -7.277  8.076   1.00 36.94 ? 146 CYS A C   1 
ATOM   450 O O   . CYS A 1 66 ? -2.331 -6.721  7.386   1.00 40.79 ? 146 CYS A O   1 
ATOM   451 C CB  . CYS A 1 66 ? -5.141 -5.805  7.801   1.00 27.08 ? 146 CYS A CB  1 
ATOM   452 S SG  . CYS A 1 66 ? -6.457 -4.792  8.466   1.00 28.96 ? 146 CYS A SG  1 
ATOM   453 N N   . GLU A 1 67 ? -3.225 -8.588  8.206   1.00 42.01 ? 147 GLU A N   1 
ATOM   454 C CA  . GLU A 1 67 ? -2.257 -9.419  7.534   1.00 49.19 ? 147 GLU A CA  1 
ATOM   455 C C   . GLU A 1 67 ? -2.975 -10.711 7.170   1.00 55.47 ? 147 GLU A C   1 
ATOM   456 O O   . GLU A 1 67 ? -2.314 -11.727 6.966   1.00 51.54 ? 147 GLU A O   1 
ATOM   457 C CB  . GLU A 1 67 ? -1.041 -9.681  8.435   1.00 61.96 ? 147 GLU A CB  1 
ATOM   458 C CG  . GLU A 1 67 ? -0.047 -8.523  8.608   1.00 64.47 ? 147 GLU A CG  1 
ATOM   459 C CD  . GLU A 1 67 ? 1.077  -8.850  9.615   1.00 72.38 ? 147 GLU A CD  1 
ATOM   460 O OE1 . GLU A 1 67 ? 1.496  -10.042 9.711   1.00 64.08 ? 147 GLU A OE1 1 
ATOM   461 O OE2 . GLU A 1 67 ? 1.526  -7.916  10.330  1.00 54.27 ? 147 GLU A OE2 1 
ATOM   462 O OXT . GLU A 1 67 ? -4.230 -10.752 7.077   1.00 49.90 ? 147 GLU A OXT 1 
HETATM 463 X UNK . UNX B 2 .  ? 3.070  7.743   -6.308  1.00 24.09 ? 201 UNX A UNK 1 
HETATM 464 X UNK . UNX C 2 .  ? 0.819  10.986  -14.775 1.00 25.39 ? 202 UNX A UNK 1 
HETATM 465 X UNK . UNX D 2 .  ? 5.663  10.810  -3.157  1.00 19.88 ? 203 UNX A UNK 1 
HETATM 466 N N1  . 36X E 3 .  ? 5.674  -10.790 -4.799  1.00 30.43 ? 204 36X A N1  1 
HETATM 467 C C6  . 36X E 3 .  ? 4.905  -11.551 -3.973  1.00 28.90 ? 204 36X A C6  1 
HETATM 468 C C5  . 36X E 3 .  ? 4.024  -10.948 -3.058  1.00 26.89 ? 204 36X A C5  1 
HETATM 469 C C4  . 36X E 3 .  ? 3.622  -9.503  -2.895  1.00 23.35 ? 204 36X A C4  1 
HETATM 470 C C3  . 36X E 3 .  ? 2.746  -9.514  -1.627  1.00 22.53 ? 204 36X A C3  1 
HETATM 471 C C2  . 36X E 3 .  ? 2.494  -10.966 -1.212  1.00 24.74 ? 204 36X A C2  1 
HETATM 472 C C1  . 36X E 3 .  ? 3.297  -11.768 -2.139  1.00 28.07 ? 204 36X A C1  1 
HETATM 473 C C7  . 36X E 3 .  ? 5.012  -12.953 -3.997  1.00 34.06 ? 204 36X A C7  1 
HETATM 474 C C11 . 36X E 3 .  ? 4.257  -13.768 -3.099  1.00 34.95 ? 204 36X A C11 1 
HETATM 475 N N   . 36X E 3 .  ? 3.440  -13.193 -2.182  1.00 30.73 ? 204 36X A N   1 
HETATM 476 C C   . 36X E 3 .  ? 2.670  -14.036 -1.255  1.00 30.75 ? 204 36X A C   1 
HETATM 477 C C10 . 36X E 3 .  ? 4.442  -15.198 -3.378  1.00 32.85 ? 204 36X A C10 1 
HETATM 478 C C9  . 36X E 3 .  ? 5.695  -15.225 -4.249  1.00 32.51 ? 204 36X A C9  1 
HETATM 479 C C8  . 36X E 3 .  ? 5.815  -13.842 -4.909  1.00 36.10 ? 204 36X A C8  1 
HETATM 480 O O   . HOH F 4 .  ? 7.936  -2.923  2.672   1.00 22.43 ? 301 HOH A O   1 
HETATM 481 O O   . HOH F 4 .  ? 4.470  -8.513  1.864   1.00 23.04 ? 302 HOH A O   1 
HETATM 482 O O   . HOH F 4 .  ? 0.905  -1.177  -10.219 1.00 31.67 ? 303 HOH A O   1 
HETATM 483 O O   . HOH F 4 .  ? -5.017 -2.407  -1.018  1.00 23.16 ? 304 HOH A O   1 
HETATM 484 O O   . HOH F 4 .  ? -5.846 -0.309  -5.197  1.00 25.83 ? 305 HOH A O   1 
HETATM 485 O O   . HOH F 4 .  ? 10.124 6.526   -2.950  1.00 26.15 ? 306 HOH A O   1 
HETATM 486 O O   . HOH F 4 .  ? 1.092  3.227   9.666   1.00 34.74 ? 307 HOH A O   1 
HETATM 487 O O   . HOH F 4 .  ? 4.156  3.749   9.707   1.00 32.74 ? 308 HOH A O   1 
HETATM 488 O O   . HOH F 4 .  ? 6.283  7.715   7.197   1.00 37.22 ? 309 HOH A O   1 
HETATM 489 O O   . HOH F 4 .  ? -1.386 6.788   -10.908 1.00 35.88 ? 310 HOH A O   1 
HETATM 490 O O   . HOH F 4 .  ? 0.702  8.197   -11.148 1.00 38.99 ? 311 HOH A O   1 
HETATM 491 O O   . HOH F 4 .  ? 3.717  13.070  -2.641  1.00 32.11 ? 312 HOH A O   1 
HETATM 492 O O   . HOH F 4 .  ? -6.207 -15.915 -4.619  1.00 24.15 ? 313 HOH A O   1 
HETATM 493 O O   . HOH F 4 .  ? -5.551 -17.743 -2.792  1.00 34.32 ? 314 HOH A O   1 
HETATM 494 O O   . HOH F 4 .  ? -6.779 3.873   3.118   1.00 32.37 ? 315 HOH A O   1 
HETATM 495 O O   . HOH F 4 .  ? -7.970 6.517   -3.837  1.00 26.18 ? 316 HOH A O   1 
HETATM 496 O O   . HOH F 4 .  ? 0.536  8.522   8.805   0.50 22.28 ? 317 HOH A O   1 
HETATM 497 O O   . HOH F 4 .  ? -6.241 -11.574 2.629   1.00 30.06 ? 318 HOH A O   1 
HETATM 498 O O   . HOH F 4 .  ? -5.238 13.045  -2.832  0.50 14.92 ? 319 HOH A O   1 
HETATM 499 O O   . HOH F 4 .  ? 2.918  -7.490  -8.340  1.00 36.64 ? 320 HOH A O   1 
HETATM 500 O O   . HOH F 4 .  ? -2.385 -15.239 1.608   1.00 38.93 ? 321 HOH A O   1 
HETATM 501 O O   . HOH F 4 .  ? 0.581  13.096  -11.399 1.00 37.77 ? 322 HOH A O   1 
HETATM 502 O O   . HOH F 4 .  ? 1.231  14.613  -5.609  1.00 34.53 ? 323 HOH A O   1 
HETATM 503 O O   . HOH F 4 .  ? 10.547 -3.003  -6.610  1.00 35.72 ? 324 HOH A O   1 
HETATM 504 O O   . HOH F 4 .  ? 8.130  -5.178  -8.933  1.00 33.32 ? 325 HOH A O   1 
HETATM 505 O O   . HOH F 4 .  ? -9.976 5.131   -4.891  1.00 41.26 ? 326 HOH A O   1 
# 
loop_
_pdbx_poly_seq_scheme.asym_id 
_pdbx_poly_seq_scheme.entity_id 
_pdbx_poly_seq_scheme.seq_id 
_pdbx_poly_seq_scheme.mon_id 
_pdbx_poly_seq_scheme.ndb_seq_num 
_pdbx_poly_seq_scheme.pdb_seq_num 
_pdbx_poly_seq_scheme.auth_seq_num 
_pdbx_poly_seq_scheme.pdb_mon_id 
_pdbx_poly_seq_scheme.auth_mon_id 
_pdbx_poly_seq_scheme.pdb_strand_id 
_pdbx_poly_seq_scheme.pdb_ins_code 
_pdbx_poly_seq_scheme.hetero 
A 1 1  GLY 1  81  ?   ?   ?   A . n 
A 1 2  LYS 2  82  ?   ?   ?   A . n 
A 1 3  LYS 3  83  ?   ?   ?   A . n 
A 1 4  ASN 4  84  ?   ?   ?   A . n 
A 1 5  THR 5  85  ?   ?   ?   A . n 
A 1 6  ALA 6  86  ?   ?   ?   A . n 
A 1 7  ALA 7  87  ?   ?   ?   A . n 
A 1 8  SER 8  88  ?   ?   ?   A . n 
A 1 9  LEU 9  89  ?   ?   ?   A . n 
A 1 10 GLN 10 90  90  GLN GLN A . n 
A 1 11 GLN 11 91  91  GLN GLN A . n 
A 1 12 TRP 12 92  92  TRP TRP A . n 
A 1 13 LYS 13 93  93  LYS LYS A . n 
A 1 14 VAL 14 94  94  VAL VAL A . n 
A 1 15 GLY 15 95  95  GLY GLY A . n 
A 1 16 ASP 16 96  96  ASP ASP A . n 
A 1 17 LYS 17 97  97  LYS LYS A . n 
A 1 18 CYS 18 98  98  CYS CYS A . n 
A 1 19 SER 19 99  99  SER SER A . n 
A 1 20 ALA 20 100 100 ALA ALA A . n 
A 1 21 ILE 21 101 101 ILE ILE A . n 
A 1 22 TRP 22 102 102 TRP TRP A . n 
A 1 23 SER 23 103 103 SER SER A . n 
A 1 24 GLU 24 104 104 GLU GLU A . n 
A 1 25 ASP 25 105 105 ASP ASP A . n 
A 1 26 GLY 26 106 106 GLY GLY A . n 
A 1 27 CYS 27 107 107 CYS CYS A . n 
A 1 28 ILE 28 108 108 ILE ILE A . n 
A 1 29 TYR 29 109 109 TYR TYR A . n 
A 1 30 PRO 30 110 110 PRO PRO A . n 
A 1 31 ALA 31 111 111 ALA ALA A . n 
A 1 32 THR 32 112 112 THR THR A . n 
A 1 33 ILE 33 113 113 ILE ILE A . n 
A 1 34 ALA 34 114 114 ALA ALA A . n 
A 1 35 SER 35 115 115 SER SER A . n 
A 1 36 ILE 36 116 116 ILE ILE A . n 
A 1 37 ASP 37 117 117 ASP ASP A . n 
A 1 38 PHE 38 118 118 PHE PHE A . n 
A 1 39 LYS 39 119 119 LYS LYS A . n 
A 1 40 ARG 40 120 120 ARG ARG A . n 
A 1 41 GLU 41 121 121 GLU GLU A . n 
A 1 42 THR 42 122 122 THR THR A . n 
A 1 43 CYS 43 123 123 CYS CYS A . n 
A 1 44 VAL 44 124 124 VAL VAL A . n 
A 1 45 VAL 45 125 125 VAL VAL A . n 
A 1 46 VAL 46 126 126 VAL VAL A . n 
A 1 47 TYR 47 127 127 TYR TYR A . n 
A 1 48 THR 48 128 128 THR THR A . n 
A 1 49 GLY 49 129 129 GLY GLY A . n 
A 1 50 TYR 50 130 130 TYR TYR A . n 
A 1 51 GLY 51 131 131 GLY GLY A . n 
A 1 52 ASN 52 132 132 ASN ASN A . n 
A 1 53 ARG 53 133 133 ARG ARG A . n 
A 1 54 GLU 54 134 134 GLU GLU A . n 
A 1 55 GLU 55 135 135 GLU GLU A . n 
A 1 56 GLN 56 136 136 GLN GLN A . n 
A 1 57 ASN 57 137 137 ASN ASN A . n 
A 1 58 LEU 58 138 138 LEU LEU A . n 
A 1 59 SER 59 139 139 SER SER A . n 
A 1 60 ASP 60 140 140 ASP ASP A . n 
A 1 61 LEU 61 141 141 LEU LEU A . n 
A 1 62 LEU 62 142 142 LEU LEU A . n 
A 1 63 SER 63 143 143 SER SER A . n 
A 1 64 PRO 64 144 144 PRO PRO A . n 
A 1 65 ILE 65 145 145 ILE ILE A . n 
A 1 66 CYS 66 146 146 CYS CYS A . n 
A 1 67 GLU 67 147 147 GLU GLU A . n 
# 
_pdbx_SG_project.id                    1 
_pdbx_SG_project.project_name          ? 
_pdbx_SG_project.full_name_of_center   'Structural Genomics Consortium' 
_pdbx_SG_project.initial_of_center     SGC 
# 
loop_
_pdbx_nonpoly_scheme.asym_id 
_pdbx_nonpoly_scheme.entity_id 
_pdbx_nonpoly_scheme.mon_id 
_pdbx_nonpoly_scheme.ndb_seq_num 
_pdbx_nonpoly_scheme.pdb_seq_num 
_pdbx_nonpoly_scheme.auth_seq_num 
_pdbx_nonpoly_scheme.pdb_mon_id 
_pdbx_nonpoly_scheme.auth_mon_id 
_pdbx_nonpoly_scheme.pdb_strand_id 
_pdbx_nonpoly_scheme.pdb_ins_code 
B 2 UNX 1  201 1  UNX UNX A . 
C 2 UNX 1  202 2  UNX UNX A . 
D 2 UNX 1  203 3  UNX UNX A . 
E 3 36X 1  204 1  36X 36X A . 
F 4 HOH 1  301 1  HOH HOH A . 
F 4 HOH 2  302 2  HOH HOH A . 
F 4 HOH 3  303 3  HOH HOH A . 
F 4 HOH 4  304 4  HOH HOH A . 
F 4 HOH 5  305 5  HOH HOH A . 
F 4 HOH 6  306 6  HOH HOH A . 
F 4 HOH 7  307 8  HOH HOH A . 
F 4 HOH 8  308 9  HOH HOH A . 
F 4 HOH 9  309 10 HOH HOH A . 
F 4 HOH 10 310 12 HOH HOH A . 
F 4 HOH 11 311 13 HOH HOH A . 
F 4 HOH 12 312 14 HOH HOH A . 
F 4 HOH 13 313 16 HOH HOH A . 
F 4 HOH 14 314 17 HOH HOH A . 
F 4 HOH 15 315 18 HOH HOH A . 
F 4 HOH 16 316 19 HOH HOH A . 
F 4 HOH 17 317 20 HOH HOH A . 
F 4 HOH 18 318 21 HOH HOH A . 
F 4 HOH 19 319 22 HOH HOH A . 
F 4 HOH 20 320 23 HOH HOH A . 
F 4 HOH 21 321 24 HOH HOH A . 
F 4 HOH 22 322 25 HOH HOH A . 
F 4 HOH 23 323 26 HOH HOH A . 
F 4 HOH 24 324 27 HOH HOH A . 
F 4 HOH 25 325 28 HOH HOH A . 
F 4 HOH 26 326 29 HOH HOH A . 
# 
_pdbx_struct_assembly.id                   1 
_pdbx_struct_assembly.details              software_defined_assembly 
_pdbx_struct_assembly.method_details       PISA 
_pdbx_struct_assembly.oligomeric_details   monomeric 
_pdbx_struct_assembly.oligomeric_count     1 
# 
_pdbx_struct_assembly_gen.assembly_id       1 
_pdbx_struct_assembly_gen.oper_expression   1 
_pdbx_struct_assembly_gen.asym_id_list      A,B,C,D,E,F 
# 
_pdbx_struct_oper_list.id                   1 
_pdbx_struct_oper_list.type                 'identity operation' 
_pdbx_struct_oper_list.name                 1_555 
_pdbx_struct_oper_list.symmetry_operation   x,y,z 
_pdbx_struct_oper_list.matrix[1][1]         1.0000000000 
_pdbx_struct_oper_list.matrix[1][2]         0.0000000000 
_pdbx_struct_oper_list.matrix[1][3]         0.0000000000 
_pdbx_struct_oper_list.vector[1]            0.0000000000 
_pdbx_struct_oper_list.matrix[2][1]         0.0000000000 
_pdbx_struct_oper_list.matrix[2][2]         1.0000000000 
_pdbx_struct_oper_list.matrix[2][3]         0.0000000000 
_pdbx_struct_oper_list.vector[2]            0.0000000000 
_pdbx_struct_oper_list.matrix[3][1]         0.0000000000 
_pdbx_struct_oper_list.matrix[3][2]         0.0000000000 
_pdbx_struct_oper_list.matrix[3][3]         1.0000000000 
_pdbx_struct_oper_list.vector[3]            0.0000000000 
# 
loop_
_pdbx_audit_revision_history.ordinal 
_pdbx_audit_revision_history.data_content_type 
_pdbx_audit_revision_history.major_revision 
_pdbx_audit_revision_history.minor_revision 
_pdbx_audit_revision_history.revision_date 
1 'Structure model' 1 0 2014-08-06 
2 'Structure model' 1 1 2022-10-05 
3 'Structure model' 1 2 2023-09-20 
# 
_pdbx_audit_revision_details.ordinal             1 
_pdbx_audit_revision_details.revision_ordinal    1 
_pdbx_audit_revision_details.data_content_type   'Structure model' 
_pdbx_audit_revision_details.provider            repository 
_pdbx_audit_revision_details.type                'Initial release' 
_pdbx_audit_revision_details.description         ? 
_pdbx_audit_revision_details.details             ? 
# 
loop_
_pdbx_audit_revision_group.ordinal 
_pdbx_audit_revision_group.revision_ordinal 
_pdbx_audit_revision_group.data_content_type 
_pdbx_audit_revision_group.group 
1 2 'Structure model' 'Data collection'        
2 2 'Structure model' 'Database references'    
3 2 'Structure model' 'Derived calculations'   
4 3 'Structure model' 'Data collection'        
5 3 'Structure model' 'Refinement description' 
# 
loop_
_pdbx_audit_revision_category.ordinal 
_pdbx_audit_revision_category.revision_ordinal 
_pdbx_audit_revision_category.data_content_type 
_pdbx_audit_revision_category.category 
1 2 'Structure model' citation                      
2 2 'Structure model' citation_author               
3 2 'Structure model' database_2                    
4 2 'Structure model' diffrn_source                 
5 2 'Structure model' struct_ref_seq_dif            
6 2 'Structure model' struct_site                   
7 3 'Structure model' chem_comp_atom                
8 3 'Structure model' chem_comp_bond                
9 3 'Structure model' pdbx_initial_refinement_model 
# 
loop_
_pdbx_audit_revision_item.ordinal 
_pdbx_audit_revision_item.revision_ordinal 
_pdbx_audit_revision_item.data_content_type 
_pdbx_audit_revision_item.item 
1  2 'Structure model' '_citation.country'                   
2  2 'Structure model' '_citation.journal_abbrev'            
3  2 'Structure model' '_citation.journal_id_CSD'            
4  2 'Structure model' '_citation.journal_id_ISSN'           
5  2 'Structure model' '_citation.journal_volume'            
6  2 'Structure model' '_citation.page_first'                
7  2 'Structure model' '_citation.page_last'                 
8  2 'Structure model' '_citation.pdbx_database_id_DOI'      
9  2 'Structure model' '_citation.pdbx_database_id_PubMed'   
10 2 'Structure model' '_citation.title'                     
11 2 'Structure model' '_citation.year'                      
12 2 'Structure model' '_database_2.pdbx_DOI'                
13 2 'Structure model' '_database_2.pdbx_database_accession' 
14 2 'Structure model' '_diffrn_source.type'                 
15 2 'Structure model' '_struct_ref_seq_dif.details'         
16 2 'Structure model' '_struct_site.pdbx_auth_asym_id'      
17 2 'Structure model' '_struct_site.pdbx_auth_comp_id'      
18 2 'Structure model' '_struct_site.pdbx_auth_seq_id'       
# 
loop_
_software.pdbx_ordinal 
_software.name 
_software.version 
_software.date 
_software.type 
_software.contact_author 
_software.contact_author_email 
_software.classification 
_software.location 
_software.language 
_software.citation_id 
1 Aimless     0.3.3 11/04/14        program 'Phil Evans'         ?                        'data scaling'    
http://www.mrc-lmb.cam.ac.uk/harry/pre/aimless.html ?          ? 
2 REFMAC      .     ?               program 'Garib N. Murshudov' garib@ysbl.york.ac.uk    refinement        
http://www.ccp4.ac.uk/dist/html/refmac5.html        Fortran_77 ? 
3 PDB_EXTRACT 3.14  'Dec. 10, 2013' package PDB                  deposit@deposit.rcsb.org 'data extraction' 
http://sw-tools.pdb.org/apps/PDB_EXTRACT/           C++        ? 
4 XDS         .     ?               ?       ?                    ?                        'data reduction'  ? ?          ? 
# 
loop_
_pdbx_unobs_or_zero_occ_atoms.id 
_pdbx_unobs_or_zero_occ_atoms.PDB_model_num 
_pdbx_unobs_or_zero_occ_atoms.polymer_flag 
_pdbx_unobs_or_zero_occ_atoms.occupancy_flag 
_pdbx_unobs_or_zero_occ_atoms.auth_asym_id 
_pdbx_unobs_or_zero_occ_atoms.auth_comp_id 
_pdbx_unobs_or_zero_occ_atoms.auth_seq_id 
_pdbx_unobs_or_zero_occ_atoms.PDB_ins_code 
_pdbx_unobs_or_zero_occ_atoms.auth_atom_id 
_pdbx_unobs_or_zero_occ_atoms.label_alt_id 
_pdbx_unobs_or_zero_occ_atoms.label_asym_id 
_pdbx_unobs_or_zero_occ_atoms.label_comp_id 
_pdbx_unobs_or_zero_occ_atoms.label_seq_id 
_pdbx_unobs_or_zero_occ_atoms.label_atom_id 
1 1 Y 1 A LYS 119 ? CD ? A LYS 39 CD 
2 1 Y 1 A LYS 119 ? CE ? A LYS 39 CE 
3 1 Y 1 A LYS 119 ? NZ ? A LYS 39 NZ 
# 
loop_
_pdbx_unobs_or_zero_occ_residues.id 
_pdbx_unobs_or_zero_occ_residues.PDB_model_num 
_pdbx_unobs_or_zero_occ_residues.polymer_flag 
_pdbx_unobs_or_zero_occ_residues.occupancy_flag 
_pdbx_unobs_or_zero_occ_residues.auth_asym_id 
_pdbx_unobs_or_zero_occ_residues.auth_comp_id 
_pdbx_unobs_or_zero_occ_residues.auth_seq_id 
_pdbx_unobs_or_zero_occ_residues.PDB_ins_code 
_pdbx_unobs_or_zero_occ_residues.label_asym_id 
_pdbx_unobs_or_zero_occ_residues.label_comp_id 
_pdbx_unobs_or_zero_occ_residues.label_seq_id 
1 1 Y 1 A GLY 81 ? A GLY 1 
2 1 Y 1 A LYS 82 ? A LYS 2 
3 1 Y 1 A LYS 83 ? A LYS 3 
4 1 Y 1 A ASN 84 ? A ASN 4 
5 1 Y 1 A THR 85 ? A THR 5 
6 1 Y 1 A ALA 86 ? A ALA 6 
7 1 Y 1 A ALA 87 ? A ALA 7 
8 1 Y 1 A SER 88 ? A SER 8 
9 1 Y 1 A LEU 89 ? A LEU 9 
# 
loop_
_chem_comp_atom.comp_id 
_chem_comp_atom.atom_id 
_chem_comp_atom.type_symbol 
_chem_comp_atom.pdbx_aromatic_flag 
_chem_comp_atom.pdbx_stereo_config 
_chem_comp_atom.pdbx_ordinal 
36X N1   N N N 1   
36X C6   C N N 2   
36X C5   C N N 3   
36X C4   C N N 4   
36X C3   C N N 5   
36X C2   C N N 6   
36X C1   C N N 7   
36X C7   C N N 8   
36X C11  C N N 9   
36X N    N N N 10  
36X C    C N N 11  
36X C10  C N N 12  
36X C9   C N N 13  
36X C8   C N N 14  
36X H1   H N N 15  
36X H3   H N N 16  
36X H4   H N N 17  
36X H5   H N N 18  
36X H6   H N N 19  
36X H7   H N N 20  
36X H9   H N N 21  
36X H10  H N N 22  
36X H11  H N N 23  
36X H12  H N N 24  
36X H13  H N N 25  
36X H14  H N N 26  
36X H16  H N N 27  
36X H17  H N N 28  
36X H18  H N N 29  
36X H2   H N N 30  
ALA N    N N N 31  
ALA CA   C N S 32  
ALA C    C N N 33  
ALA O    O N N 34  
ALA CB   C N N 35  
ALA OXT  O N N 36  
ALA H    H N N 37  
ALA H2   H N N 38  
ALA HA   H N N 39  
ALA HB1  H N N 40  
ALA HB2  H N N 41  
ALA HB3  H N N 42  
ALA HXT  H N N 43  
ARG N    N N N 44  
ARG CA   C N S 45  
ARG C    C N N 46  
ARG O    O N N 47  
ARG CB   C N N 48  
ARG CG   C N N 49  
ARG CD   C N N 50  
ARG NE   N N N 51  
ARG CZ   C N N 52  
ARG NH1  N N N 53  
ARG NH2  N N N 54  
ARG OXT  O N N 55  
ARG H    H N N 56  
ARG H2   H N N 57  
ARG HA   H N N 58  
ARG HB2  H N N 59  
ARG HB3  H N N 60  
ARG HG2  H N N 61  
ARG HG3  H N N 62  
ARG HD2  H N N 63  
ARG HD3  H N N 64  
ARG HE   H N N 65  
ARG HH11 H N N 66  
ARG HH12 H N N 67  
ARG HH21 H N N 68  
ARG HH22 H N N 69  
ARG HXT  H N N 70  
ASN N    N N N 71  
ASN CA   C N S 72  
ASN C    C N N 73  
ASN O    O N N 74  
ASN CB   C N N 75  
ASN CG   C N N 76  
ASN OD1  O N N 77  
ASN ND2  N N N 78  
ASN OXT  O N N 79  
ASN H    H N N 80  
ASN H2   H N N 81  
ASN HA   H N N 82  
ASN HB2  H N N 83  
ASN HB3  H N N 84  
ASN HD21 H N N 85  
ASN HD22 H N N 86  
ASN HXT  H N N 87  
ASP N    N N N 88  
ASP CA   C N S 89  
ASP C    C N N 90  
ASP O    O N N 91  
ASP CB   C N N 92  
ASP CG   C N N 93  
ASP OD1  O N N 94  
ASP OD2  O N N 95  
ASP OXT  O N N 96  
ASP H    H N N 97  
ASP H2   H N N 98  
ASP HA   H N N 99  
ASP HB2  H N N 100 
ASP HB3  H N N 101 
ASP HD2  H N N 102 
ASP HXT  H N N 103 
CYS N    N N N 104 
CYS CA   C N R 105 
CYS C    C N N 106 
CYS O    O N N 107 
CYS CB   C N N 108 
CYS SG   S N N 109 
CYS OXT  O N N 110 
CYS H    H N N 111 
CYS H2   H N N 112 
CYS HA   H N N 113 
CYS HB2  H N N 114 
CYS HB3  H N N 115 
CYS HG   H N N 116 
CYS HXT  H N N 117 
GLN N    N N N 118 
GLN CA   C N S 119 
GLN C    C N N 120 
GLN O    O N N 121 
GLN CB   C N N 122 
GLN CG   C N N 123 
GLN CD   C N N 124 
GLN OE1  O N N 125 
GLN NE2  N N N 126 
GLN OXT  O N N 127 
GLN H    H N N 128 
GLN H2   H N N 129 
GLN HA   H N N 130 
GLN HB2  H N N 131 
GLN HB3  H N N 132 
GLN HG2  H N N 133 
GLN HG3  H N N 134 
GLN HE21 H N N 135 
GLN HE22 H N N 136 
GLN HXT  H N N 137 
GLU N    N N N 138 
GLU CA   C N S 139 
GLU C    C N N 140 
GLU O    O N N 141 
GLU CB   C N N 142 
GLU CG   C N N 143 
GLU CD   C N N 144 
GLU OE1  O N N 145 
GLU OE2  O N N 146 
GLU OXT  O N N 147 
GLU H    H N N 148 
GLU H2   H N N 149 
GLU HA   H N N 150 
GLU HB2  H N N 151 
GLU HB3  H N N 152 
GLU HG2  H N N 153 
GLU HG3  H N N 154 
GLU HE2  H N N 155 
GLU HXT  H N N 156 
GLY N    N N N 157 
GLY CA   C N N 158 
GLY C    C N N 159 
GLY O    O N N 160 
GLY OXT  O N N 161 
GLY H    H N N 162 
GLY H2   H N N 163 
GLY HA2  H N N 164 
GLY HA3  H N N 165 
GLY HXT  H N N 166 
HOH O    O N N 167 
HOH H1   H N N 168 
HOH H2   H N N 169 
ILE N    N N N 170 
ILE CA   C N S 171 
ILE C    C N N 172 
ILE O    O N N 173 
ILE CB   C N S 174 
ILE CG1  C N N 175 
ILE CG2  C N N 176 
ILE CD1  C N N 177 
ILE OXT  O N N 178 
ILE H    H N N 179 
ILE H2   H N N 180 
ILE HA   H N N 181 
ILE HB   H N N 182 
ILE HG12 H N N 183 
ILE HG13 H N N 184 
ILE HG21 H N N 185 
ILE HG22 H N N 186 
ILE HG23 H N N 187 
ILE HD11 H N N 188 
ILE HD12 H N N 189 
ILE HD13 H N N 190 
ILE HXT  H N N 191 
LEU N    N N N 192 
LEU CA   C N S 193 
LEU C    C N N 194 
LEU O    O N N 195 
LEU CB   C N N 196 
LEU CG   C N N 197 
LEU CD1  C N N 198 
LEU CD2  C N N 199 
LEU OXT  O N N 200 
LEU H    H N N 201 
LEU H2   H N N 202 
LEU HA   H N N 203 
LEU HB2  H N N 204 
LEU HB3  H N N 205 
LEU HG   H N N 206 
LEU HD11 H N N 207 
LEU HD12 H N N 208 
LEU HD13 H N N 209 
LEU HD21 H N N 210 
LEU HD22 H N N 211 
LEU HD23 H N N 212 
LEU HXT  H N N 213 
LYS N    N N N 214 
LYS CA   C N S 215 
LYS C    C N N 216 
LYS O    O N N 217 
LYS CB   C N N 218 
LYS CG   C N N 219 
LYS CD   C N N 220 
LYS CE   C N N 221 
LYS NZ   N N N 222 
LYS OXT  O N N 223 
LYS H    H N N 224 
LYS H2   H N N 225 
LYS HA   H N N 226 
LYS HB2  H N N 227 
LYS HB3  H N N 228 
LYS HG2  H N N 229 
LYS HG3  H N N 230 
LYS HD2  H N N 231 
LYS HD3  H N N 232 
LYS HE2  H N N 233 
LYS HE3  H N N 234 
LYS HZ1  H N N 235 
LYS HZ2  H N N 236 
LYS HZ3  H N N 237 
LYS HXT  H N N 238 
PHE N    N N N 239 
PHE CA   C N S 240 
PHE C    C N N 241 
PHE O    O N N 242 
PHE CB   C N N 243 
PHE CG   C Y N 244 
PHE CD1  C Y N 245 
PHE CD2  C Y N 246 
PHE CE1  C Y N 247 
PHE CE2  C Y N 248 
PHE CZ   C Y N 249 
PHE OXT  O N N 250 
PHE H    H N N 251 
PHE H2   H N N 252 
PHE HA   H N N 253 
PHE HB2  H N N 254 
PHE HB3  H N N 255 
PHE HD1  H N N 256 
PHE HD2  H N N 257 
PHE HE1  H N N 258 
PHE HE2  H N N 259 
PHE HZ   H N N 260 
PHE HXT  H N N 261 
PRO N    N N N 262 
PRO CA   C N S 263 
PRO C    C N N 264 
PRO O    O N N 265 
PRO CB   C N N 266 
PRO CG   C N N 267 
PRO CD   C N N 268 
PRO OXT  O N N 269 
PRO H    H N N 270 
PRO HA   H N N 271 
PRO HB2  H N N 272 
PRO HB3  H N N 273 
PRO HG2  H N N 274 
PRO HG3  H N N 275 
PRO HD2  H N N 276 
PRO HD3  H N N 277 
PRO HXT  H N N 278 
SER N    N N N 279 
SER CA   C N S 280 
SER C    C N N 281 
SER O    O N N 282 
SER CB   C N N 283 
SER OG   O N N 284 
SER OXT  O N N 285 
SER H    H N N 286 
SER H2   H N N 287 
SER HA   H N N 288 
SER HB2  H N N 289 
SER HB3  H N N 290 
SER HG   H N N 291 
SER HXT  H N N 292 
THR N    N N N 293 
THR CA   C N S 294 
THR C    C N N 295 
THR O    O N N 296 
THR CB   C N R 297 
THR OG1  O N N 298 
THR CG2  C N N 299 
THR OXT  O N N 300 
THR H    H N N 301 
THR H2   H N N 302 
THR HA   H N N 303 
THR HB   H N N 304 
THR HG1  H N N 305 
THR HG21 H N N 306 
THR HG22 H N N 307 
THR HG23 H N N 308 
THR HXT  H N N 309 
TRP N    N N N 310 
TRP CA   C N S 311 
TRP C    C N N 312 
TRP O    O N N 313 
TRP CB   C N N 314 
TRP CG   C Y N 315 
TRP CD1  C Y N 316 
TRP CD2  C Y N 317 
TRP NE1  N Y N 318 
TRP CE2  C Y N 319 
TRP CE3  C Y N 320 
TRP CZ2  C Y N 321 
TRP CZ3  C Y N 322 
TRP CH2  C Y N 323 
TRP OXT  O N N 324 
TRP H    H N N 325 
TRP H2   H N N 326 
TRP HA   H N N 327 
TRP HB2  H N N 328 
TRP HB3  H N N 329 
TRP HD1  H N N 330 
TRP HE1  H N N 331 
TRP HE3  H N N 332 
TRP HZ2  H N N 333 
TRP HZ3  H N N 334 
TRP HH2  H N N 335 
TRP HXT  H N N 336 
TYR N    N N N 337 
TYR CA   C N S 338 
TYR C    C N N 339 
TYR O    O N N 340 
TYR CB   C N N 341 
TYR CG   C Y N 342 
TYR CD1  C Y N 343 
TYR CD2  C Y N 344 
TYR CE1  C Y N 345 
TYR CE2  C Y N 346 
TYR CZ   C Y N 347 
TYR OH   O N N 348 
TYR OXT  O N N 349 
TYR H    H N N 350 
TYR H2   H N N 351 
TYR HA   H N N 352 
TYR HB2  H N N 353 
TYR HB3  H N N 354 
TYR HD1  H N N 355 
TYR HD2  H N N 356 
TYR HE1  H N N 357 
TYR HE2  H N N 358 
TYR HH   H N N 359 
TYR HXT  H N N 360 
VAL N    N N N 361 
VAL CA   C N S 362 
VAL C    C N N 363 
VAL O    O N N 364 
VAL CB   C N N 365 
VAL CG1  C N N 366 
VAL CG2  C N N 367 
VAL OXT  O N N 368 
VAL H    H N N 369 
VAL H2   H N N 370 
VAL HA   H N N 371 
VAL HB   H N N 372 
VAL HG11 H N N 373 
VAL HG12 H N N 374 
VAL HG13 H N N 375 
VAL HG21 H N N 376 
VAL HG22 H N N 377 
VAL HG23 H N N 378 
VAL HXT  H N N 379 
# 
loop_
_chem_comp_bond.comp_id 
_chem_comp_bond.atom_id_1 
_chem_comp_bond.atom_id_2 
_chem_comp_bond.value_order 
_chem_comp_bond.pdbx_aromatic_flag 
_chem_comp_bond.pdbx_stereo_config 
_chem_comp_bond.pdbx_ordinal 
36X N1  C6   doub N N 1   
36X C6  C5   sing N N 2   
36X C6  C7   sing N N 3   
36X C4  C5   sing N N 4   
36X C4  C3   sing N N 5   
36X C8  C7   sing N N 6   
36X C8  C9   sing N N 7   
36X C5  C1   doub N N 8   
36X C7  C11  doub N N 9   
36X C3  C2   sing N N 10  
36X C9  C10  sing N N 11  
36X C1  C2   sing N N 12  
36X C1  N    sing N N 13  
36X C11 N    sing N N 14  
36X C11 C10  sing N N 15  
36X N   C    sing N N 16  
36X N1  H1   sing N N 17  
36X C4  H3   sing N N 18  
36X C3  H4   sing N N 19  
36X C2  H5   sing N N 20  
36X C   H6   sing N N 21  
36X C   H7   sing N N 22  
36X C10 H9   sing N N 23  
36X C10 H10  sing N N 24  
36X C9  H11  sing N N 25  
36X C9  H12  sing N N 26  
36X C8  H13  sing N N 27  
36X C8  H14  sing N N 28  
36X C4  H16  sing N N 29  
36X C3  H17  sing N N 30  
36X C2  H18  sing N N 31  
36X C   H2   sing N N 32  
ALA N   CA   sing N N 33  
ALA N   H    sing N N 34  
ALA N   H2   sing N N 35  
ALA CA  C    sing N N 36  
ALA CA  CB   sing N N 37  
ALA CA  HA   sing N N 38  
ALA C   O    doub N N 39  
ALA C   OXT  sing N N 40  
ALA CB  HB1  sing N N 41  
ALA CB  HB2  sing N N 42  
ALA CB  HB3  sing N N 43  
ALA OXT HXT  sing N N 44  
ARG N   CA   sing N N 45  
ARG N   H    sing N N 46  
ARG N   H2   sing N N 47  
ARG CA  C    sing N N 48  
ARG CA  CB   sing N N 49  
ARG CA  HA   sing N N 50  
ARG C   O    doub N N 51  
ARG C   OXT  sing N N 52  
ARG CB  CG   sing N N 53  
ARG CB  HB2  sing N N 54  
ARG CB  HB3  sing N N 55  
ARG CG  CD   sing N N 56  
ARG CG  HG2  sing N N 57  
ARG CG  HG3  sing N N 58  
ARG CD  NE   sing N N 59  
ARG CD  HD2  sing N N 60  
ARG CD  HD3  sing N N 61  
ARG NE  CZ   sing N N 62  
ARG NE  HE   sing N N 63  
ARG CZ  NH1  sing N N 64  
ARG CZ  NH2  doub N N 65  
ARG NH1 HH11 sing N N 66  
ARG NH1 HH12 sing N N 67  
ARG NH2 HH21 sing N N 68  
ARG NH2 HH22 sing N N 69  
ARG OXT HXT  sing N N 70  
ASN N   CA   sing N N 71  
ASN N   H    sing N N 72  
ASN N   H2   sing N N 73  
ASN CA  C    sing N N 74  
ASN CA  CB   sing N N 75  
ASN CA  HA   sing N N 76  
ASN C   O    doub N N 77  
ASN C   OXT  sing N N 78  
ASN CB  CG   sing N N 79  
ASN CB  HB2  sing N N 80  
ASN CB  HB3  sing N N 81  
ASN CG  OD1  doub N N 82  
ASN CG  ND2  sing N N 83  
ASN ND2 HD21 sing N N 84  
ASN ND2 HD22 sing N N 85  
ASN OXT HXT  sing N N 86  
ASP N   CA   sing N N 87  
ASP N   H    sing N N 88  
ASP N   H2   sing N N 89  
ASP CA  C    sing N N 90  
ASP CA  CB   sing N N 91  
ASP CA  HA   sing N N 92  
ASP C   O    doub N N 93  
ASP C   OXT  sing N N 94  
ASP CB  CG   sing N N 95  
ASP CB  HB2  sing N N 96  
ASP CB  HB3  sing N N 97  
ASP CG  OD1  doub N N 98  
ASP CG  OD2  sing N N 99  
ASP OD2 HD2  sing N N 100 
ASP OXT HXT  sing N N 101 
CYS N   CA   sing N N 102 
CYS N   H    sing N N 103 
CYS N   H2   sing N N 104 
CYS CA  C    sing N N 105 
CYS CA  CB   sing N N 106 
CYS CA  HA   sing N N 107 
CYS C   O    doub N N 108 
CYS C   OXT  sing N N 109 
CYS CB  SG   sing N N 110 
CYS CB  HB2  sing N N 111 
CYS CB  HB3  sing N N 112 
CYS SG  HG   sing N N 113 
CYS OXT HXT  sing N N 114 
GLN N   CA   sing N N 115 
GLN N   H    sing N N 116 
GLN N   H2   sing N N 117 
GLN CA  C    sing N N 118 
GLN CA  CB   sing N N 119 
GLN CA  HA   sing N N 120 
GLN C   O    doub N N 121 
GLN C   OXT  sing N N 122 
GLN CB  CG   sing N N 123 
GLN CB  HB2  sing N N 124 
GLN CB  HB3  sing N N 125 
GLN CG  CD   sing N N 126 
GLN CG  HG2  sing N N 127 
GLN CG  HG3  sing N N 128 
GLN CD  OE1  doub N N 129 
GLN CD  NE2  sing N N 130 
GLN NE2 HE21 sing N N 131 
GLN NE2 HE22 sing N N 132 
GLN OXT HXT  sing N N 133 
GLU N   CA   sing N N 134 
GLU N   H    sing N N 135 
GLU N   H2   sing N N 136 
GLU CA  C    sing N N 137 
GLU CA  CB   sing N N 138 
GLU CA  HA   sing N N 139 
GLU C   O    doub N N 140 
GLU C   OXT  sing N N 141 
GLU CB  CG   sing N N 142 
GLU CB  HB2  sing N N 143 
GLU CB  HB3  sing N N 144 
GLU CG  CD   sing N N 145 
GLU CG  HG2  sing N N 146 
GLU CG  HG3  sing N N 147 
GLU CD  OE1  doub N N 148 
GLU CD  OE2  sing N N 149 
GLU OE2 HE2  sing N N 150 
GLU OXT HXT  sing N N 151 
GLY N   CA   sing N N 152 
GLY N   H    sing N N 153 
GLY N   H2   sing N N 154 
GLY CA  C    sing N N 155 
GLY CA  HA2  sing N N 156 
GLY CA  HA3  sing N N 157 
GLY C   O    doub N N 158 
GLY C   OXT  sing N N 159 
GLY OXT HXT  sing N N 160 
HOH O   H1   sing N N 161 
HOH O   H2   sing N N 162 
ILE N   CA   sing N N 163 
ILE N   H    sing N N 164 
ILE N   H2   sing N N 165 
ILE CA  C    sing N N 166 
ILE CA  CB   sing N N 167 
ILE CA  HA   sing N N 168 
ILE C   O    doub N N 169 
ILE C   OXT  sing N N 170 
ILE CB  CG1  sing N N 171 
ILE CB  CG2  sing N N 172 
ILE CB  HB   sing N N 173 
ILE CG1 CD1  sing N N 174 
ILE CG1 HG12 sing N N 175 
ILE CG1 HG13 sing N N 176 
ILE CG2 HG21 sing N N 177 
ILE CG2 HG22 sing N N 178 
ILE CG2 HG23 sing N N 179 
ILE CD1 HD11 sing N N 180 
ILE CD1 HD12 sing N N 181 
ILE CD1 HD13 sing N N 182 
ILE OXT HXT  sing N N 183 
LEU N   CA   sing N N 184 
LEU N   H    sing N N 185 
LEU N   H2   sing N N 186 
LEU CA  C    sing N N 187 
LEU CA  CB   sing N N 188 
LEU CA  HA   sing N N 189 
LEU C   O    doub N N 190 
LEU C   OXT  sing N N 191 
LEU CB  CG   sing N N 192 
LEU CB  HB2  sing N N 193 
LEU CB  HB3  sing N N 194 
LEU CG  CD1  sing N N 195 
LEU CG  CD2  sing N N 196 
LEU CG  HG   sing N N 197 
LEU CD1 HD11 sing N N 198 
LEU CD1 HD12 sing N N 199 
LEU CD1 HD13 sing N N 200 
LEU CD2 HD21 sing N N 201 
LEU CD2 HD22 sing N N 202 
LEU CD2 HD23 sing N N 203 
LEU OXT HXT  sing N N 204 
LYS N   CA   sing N N 205 
LYS N   H    sing N N 206 
LYS N   H2   sing N N 207 
LYS CA  C    sing N N 208 
LYS CA  CB   sing N N 209 
LYS CA  HA   sing N N 210 
LYS C   O    doub N N 211 
LYS C   OXT  sing N N 212 
LYS CB  CG   sing N N 213 
LYS CB  HB2  sing N N 214 
LYS CB  HB3  sing N N 215 
LYS CG  CD   sing N N 216 
LYS CG  HG2  sing N N 217 
LYS CG  HG3  sing N N 218 
LYS CD  CE   sing N N 219 
LYS CD  HD2  sing N N 220 
LYS CD  HD3  sing N N 221 
LYS CE  NZ   sing N N 222 
LYS CE  HE2  sing N N 223 
LYS CE  HE3  sing N N 224 
LYS NZ  HZ1  sing N N 225 
LYS NZ  HZ2  sing N N 226 
LYS NZ  HZ3  sing N N 227 
LYS OXT HXT  sing N N 228 
PHE N   CA   sing N N 229 
PHE N   H    sing N N 230 
PHE N   H2   sing N N 231 
PHE CA  C    sing N N 232 
PHE CA  CB   sing N N 233 
PHE CA  HA   sing N N 234 
PHE C   O    doub N N 235 
PHE C   OXT  sing N N 236 
PHE CB  CG   sing N N 237 
PHE CB  HB2  sing N N 238 
PHE CB  HB3  sing N N 239 
PHE CG  CD1  doub Y N 240 
PHE CG  CD2  sing Y N 241 
PHE CD1 CE1  sing Y N 242 
PHE CD1 HD1  sing N N 243 
PHE CD2 CE2  doub Y N 244 
PHE CD2 HD2  sing N N 245 
PHE CE1 CZ   doub Y N 246 
PHE CE1 HE1  sing N N 247 
PHE CE2 CZ   sing Y N 248 
PHE CE2 HE2  sing N N 249 
PHE CZ  HZ   sing N N 250 
PHE OXT HXT  sing N N 251 
PRO N   CA   sing N N 252 
PRO N   CD   sing N N 253 
PRO N   H    sing N N 254 
PRO CA  C    sing N N 255 
PRO CA  CB   sing N N 256 
PRO CA  HA   sing N N 257 
PRO C   O    doub N N 258 
PRO C   OXT  sing N N 259 
PRO CB  CG   sing N N 260 
PRO CB  HB2  sing N N 261 
PRO CB  HB3  sing N N 262 
PRO CG  CD   sing N N 263 
PRO CG  HG2  sing N N 264 
PRO CG  HG3  sing N N 265 
PRO CD  HD2  sing N N 266 
PRO CD  HD3  sing N N 267 
PRO OXT HXT  sing N N 268 
SER N   CA   sing N N 269 
SER N   H    sing N N 270 
SER N   H2   sing N N 271 
SER CA  C    sing N N 272 
SER CA  CB   sing N N 273 
SER CA  HA   sing N N 274 
SER C   O    doub N N 275 
SER C   OXT  sing N N 276 
SER CB  OG   sing N N 277 
SER CB  HB2  sing N N 278 
SER CB  HB3  sing N N 279 
SER OG  HG   sing N N 280 
SER OXT HXT  sing N N 281 
THR N   CA   sing N N 282 
THR N   H    sing N N 283 
THR N   H2   sing N N 284 
THR CA  C    sing N N 285 
THR CA  CB   sing N N 286 
THR CA  HA   sing N N 287 
THR C   O    doub N N 288 
THR C   OXT  sing N N 289 
THR CB  OG1  sing N N 290 
THR CB  CG2  sing N N 291 
THR CB  HB   sing N N 292 
THR OG1 HG1  sing N N 293 
THR CG2 HG21 sing N N 294 
THR CG2 HG22 sing N N 295 
THR CG2 HG23 sing N N 296 
THR OXT HXT  sing N N 297 
TRP N   CA   sing N N 298 
TRP N   H    sing N N 299 
TRP N   H2   sing N N 300 
TRP CA  C    sing N N 301 
TRP CA  CB   sing N N 302 
TRP CA  HA   sing N N 303 
TRP C   O    doub N N 304 
TRP C   OXT  sing N N 305 
TRP CB  CG   sing N N 306 
TRP CB  HB2  sing N N 307 
TRP CB  HB3  sing N N 308 
TRP CG  CD1  doub Y N 309 
TRP CG  CD2  sing Y N 310 
TRP CD1 NE1  sing Y N 311 
TRP CD1 HD1  sing N N 312 
TRP CD2 CE2  doub Y N 313 
TRP CD2 CE3  sing Y N 314 
TRP NE1 CE2  sing Y N 315 
TRP NE1 HE1  sing N N 316 
TRP CE2 CZ2  sing Y N 317 
TRP CE3 CZ3  doub Y N 318 
TRP CE3 HE3  sing N N 319 
TRP CZ2 CH2  doub Y N 320 
TRP CZ2 HZ2  sing N N 321 
TRP CZ3 CH2  sing Y N 322 
TRP CZ3 HZ3  sing N N 323 
TRP CH2 HH2  sing N N 324 
TRP OXT HXT  sing N N 325 
TYR N   CA   sing N N 326 
TYR N   H    sing N N 327 
TYR N   H2   sing N N 328 
TYR CA  C    sing N N 329 
TYR CA  CB   sing N N 330 
TYR CA  HA   sing N N 331 
TYR C   O    doub N N 332 
TYR C   OXT  sing N N 333 
TYR CB  CG   sing N N 334 
TYR CB  HB2  sing N N 335 
TYR CB  HB3  sing N N 336 
TYR CG  CD1  doub Y N 337 
TYR CG  CD2  sing Y N 338 
TYR CD1 CE1  sing Y N 339 
TYR CD1 HD1  sing N N 340 
TYR CD2 CE2  doub Y N 341 
TYR CD2 HD2  sing N N 342 
TYR CE1 CZ   doub Y N 343 
TYR CE1 HE1  sing N N 344 
TYR CE2 CZ   sing Y N 345 
TYR CE2 HE2  sing N N 346 
TYR CZ  OH   sing N N 347 
TYR OH  HH   sing N N 348 
TYR OXT HXT  sing N N 349 
VAL N   CA   sing N N 350 
VAL N   H    sing N N 351 
VAL N   H2   sing N N 352 
VAL CA  C    sing N N 353 
VAL CA  CB   sing N N 354 
VAL CA  HA   sing N N 355 
VAL C   O    doub N N 356 
VAL C   OXT  sing N N 357 
VAL CB  CG1  sing N N 358 
VAL CB  CG2  sing N N 359 
VAL CB  HB   sing N N 360 
VAL CG1 HG11 sing N N 361 
VAL CG1 HG12 sing N N 362 
VAL CG1 HG13 sing N N 363 
VAL CG2 HG21 sing N N 364 
VAL CG2 HG22 sing N N 365 
VAL CG2 HG23 sing N N 366 
VAL OXT HXT  sing N N 367 
# 
loop_
_pdbx_entity_nonpoly.entity_id 
_pdbx_entity_nonpoly.name 
_pdbx_entity_nonpoly.comp_id 
2 'UNKNOWN ATOM OR ION'                                                UNX 
3 '4-methyl-2,3,4,5,6,7-hexahydrodicyclopenta[b,e]pyridin-8(1H)-imine' 36X 
4 water                                                                HOH 
# 
_pdbx_initial_refinement_model.id               1 
_pdbx_initial_refinement_model.entity_id_list   ? 
_pdbx_initial_refinement_model.type             'experimental model' 
_pdbx_initial_refinement_model.source_name      PDB 
_pdbx_initial_refinement_model.accession_code   1MHN 
_pdbx_initial_refinement_model.details          'pdb entry 1MHN' 
# 
